data_2LWZ
#
_entry.id   2LWZ
#
_entity_poly.entity_id   1
_entity_poly.type   'polypeptide(L)'
_entity_poly.pdbx_seq_one_letter_code
;FVNQHLCGSDLVEALYLVCGERGFFYTDPTGGGPRRGIVEQCCHSICSLYQLENYCN
;
_entity_poly.pdbx_strand_id   A
#
# COMPACT_ATOMS: atom_id res chain seq x y z
N PHE A 1 12.41 -0.90 0.72
CA PHE A 1 11.16 -0.09 0.67
C PHE A 1 11.45 1.24 -0.03
N VAL A 2 12.37 1.23 -0.96
CA VAL A 2 12.74 2.49 -1.68
C VAL A 2 12.11 2.52 -3.08
N ASN A 3 12.82 2.03 -4.07
CA ASN A 3 12.29 2.03 -5.48
C ASN A 3 11.78 0.64 -5.83
N GLN A 4 11.38 -0.13 -4.86
CA GLN A 4 10.87 -1.51 -5.14
C GLN A 4 9.35 -1.48 -5.24
N HIS A 5 8.79 -2.46 -5.90
CA HIS A 5 7.31 -2.52 -6.08
C HIS A 5 6.66 -3.32 -4.94
N LEU A 6 5.63 -2.78 -4.36
CA LEU A 6 4.91 -3.51 -3.26
C LEU A 6 3.73 -4.27 -3.86
N CYS A 7 3.53 -5.49 -3.46
CA CYS A 7 2.38 -6.27 -4.00
C CYS A 7 1.93 -7.29 -2.95
N GLY A 8 0.68 -7.26 -2.60
CA GLY A 8 0.16 -8.24 -1.59
C GLY A 8 0.70 -7.89 -0.20
N SER A 9 0.95 -8.88 0.61
CA SER A 9 1.46 -8.63 1.99
C SER A 9 2.62 -7.62 1.95
N ASP A 10 3.40 -7.63 0.89
CA ASP A 10 4.53 -6.66 0.81
C ASP A 10 4.01 -5.26 1.13
N LEU A 11 2.95 -4.86 0.49
CA LEU A 11 2.39 -3.51 0.77
C LEU A 11 2.08 -3.38 2.26
N VAL A 12 1.32 -4.28 2.81
CA VAL A 12 0.97 -4.21 4.26
C VAL A 12 2.22 -3.92 5.08
N GLU A 13 3.15 -4.84 5.11
CA GLU A 13 4.38 -4.62 5.91
C GLU A 13 4.95 -3.23 5.61
N ALA A 14 4.71 -2.74 4.43
CA ALA A 14 5.22 -1.39 4.07
C ALA A 14 4.31 -0.32 4.68
N LEU A 15 3.04 -0.36 4.43
CA LEU A 15 2.15 0.68 5.05
C LEU A 15 2.42 0.72 6.56
N TYR A 16 2.69 -0.41 7.14
CA TYR A 16 2.96 -0.45 8.61
C TYR A 16 3.98 0.63 8.99
N LEU A 17 5.09 0.71 8.30
CA LEU A 17 6.09 1.77 8.67
C LEU A 17 5.50 3.13 8.31
N VAL A 18 5.02 3.26 7.11
CA VAL A 18 4.44 4.56 6.67
C VAL A 18 3.41 5.04 7.69
N CYS A 19 2.40 4.25 7.93
CA CYS A 19 1.35 4.66 8.90
C CYS A 19 1.86 4.50 10.33
N GLY A 20 2.82 3.66 10.52
CA GLY A 20 3.38 3.45 11.88
C GLY A 20 2.26 3.17 12.89
N GLU A 21 2.19 3.92 13.94
CA GLU A 21 1.13 3.69 14.97
C GLU A 21 -0.19 4.28 14.51
N ARG A 22 -0.19 5.10 13.50
CA ARG A 22 -1.46 5.70 13.03
C ARG A 22 -2.44 4.59 12.64
N GLY A 23 -1.94 3.45 12.26
CA GLY A 23 -2.86 2.34 11.87
C GLY A 23 -3.42 2.65 10.48
N PHE A 24 -3.83 1.65 9.75
CA PHE A 24 -4.38 1.91 8.38
C PHE A 24 -5.30 0.78 7.96
N PHE A 25 -5.95 0.96 6.85
CA PHE A 25 -6.88 -0.08 6.31
C PHE A 25 -6.35 -0.60 4.97
N TYR A 26 -6.46 -1.87 4.73
CA TYR A 26 -5.98 -2.41 3.43
C TYR A 26 -7.07 -2.14 2.38
N THR A 27 -6.78 -2.36 1.14
CA THR A 27 -7.81 -2.09 0.10
C THR A 27 -8.99 -3.05 0.26
N ASP A 28 -10.02 -2.88 -0.53
CA ASP A 28 -11.23 -3.76 -0.42
C ASP A 28 -10.80 -5.24 -0.23
N PRO A 29 -11.62 -6.03 0.46
CA PRO A 29 -11.32 -7.47 0.70
C PRO A 29 -11.65 -8.29 -0.56
N THR A 30 -12.24 -7.69 -1.56
CA THR A 30 -12.64 -8.46 -2.77
C THR A 30 -11.45 -9.23 -3.35
N GLY A 31 -10.29 -8.64 -3.39
CA GLY A 31 -9.11 -9.38 -3.94
C GLY A 31 -9.28 -9.61 -5.45
N GLY A 32 -10.47 -9.47 -5.96
CA GLY A 32 -10.69 -9.70 -7.43
C GLY A 32 -10.64 -8.35 -8.15
N GLY A 33 -10.86 -7.30 -7.42
CA GLY A 33 -10.83 -5.93 -8.03
C GLY A 33 -10.93 -4.90 -6.89
N PRO A 34 -10.04 -5.01 -5.92
CA PRO A 34 -10.02 -4.08 -4.77
C PRO A 34 -9.60 -2.69 -5.23
N ARG A 35 -9.43 -1.79 -4.30
CA ARG A 35 -9.00 -0.41 -4.65
C ARG A 35 -7.69 -0.50 -5.44
N ARG A 36 -7.78 -0.66 -6.73
CA ARG A 36 -6.53 -0.75 -7.54
C ARG A 36 -5.74 0.54 -7.35
N GLY A 37 -6.26 1.46 -6.60
CA GLY A 37 -5.55 2.74 -6.37
C GLY A 37 -4.35 2.50 -5.46
N ILE A 38 -4.37 1.48 -4.63
CA ILE A 38 -3.21 1.21 -3.71
C ILE A 38 -2.35 0.06 -4.25
N VAL A 39 -2.93 -1.08 -4.48
CA VAL A 39 -2.13 -2.26 -4.95
C VAL A 39 -1.48 -1.98 -6.30
N GLU A 40 -2.27 -1.80 -7.33
CA GLU A 40 -1.67 -1.55 -8.68
C GLU A 40 -0.73 -0.36 -8.63
N GLN A 41 -1.14 0.73 -8.03
CA GLN A 41 -0.27 1.93 -7.96
C GLN A 41 1.14 1.54 -7.52
N CYS A 42 1.25 0.90 -6.38
CA CYS A 42 2.61 0.51 -5.87
C CYS A 42 3.04 -0.83 -6.47
N CYS A 43 2.12 -1.69 -6.82
CA CYS A 43 2.51 -3.01 -7.41
C CYS A 43 2.76 -2.84 -8.91
N HIS A 44 1.82 -2.28 -9.60
CA HIS A 44 1.99 -2.08 -11.07
C HIS A 44 3.05 -0.99 -11.31
N SER A 45 3.19 -0.08 -10.38
CA SER A 45 4.21 1.01 -10.54
C SER A 45 4.94 1.22 -9.21
N ILE A 46 6.10 1.82 -9.25
CA ILE A 46 6.87 2.06 -8.00
C ILE A 46 6.34 3.33 -7.32
N CYS A 47 5.50 3.20 -6.33
CA CYS A 47 4.96 4.40 -5.63
C CYS A 47 5.87 4.75 -4.44
N SER A 48 5.93 6.01 -4.09
CA SER A 48 6.80 6.42 -2.95
C SER A 48 6.00 6.28 -1.65
N LEU A 49 6.66 6.35 -0.53
CA LEU A 49 5.94 6.22 0.77
C LEU A 49 4.86 7.30 0.82
N TYR A 50 5.14 8.43 0.25
CA TYR A 50 4.17 9.54 0.23
C TYR A 50 2.79 9.01 -0.12
N GLN A 51 2.68 8.37 -1.25
CA GLN A 51 1.37 7.84 -1.68
C GLN A 51 0.88 6.84 -0.64
N LEU A 52 1.75 6.02 -0.14
CA LEU A 52 1.33 5.05 0.89
C LEU A 52 0.86 5.83 2.10
N GLU A 53 1.45 6.96 2.32
CA GLU A 53 1.04 7.80 3.47
C GLU A 53 -0.36 8.36 3.17
N ASN A 54 -0.80 8.17 1.96
CA ASN A 54 -2.15 8.68 1.56
C ASN A 54 -3.24 7.77 2.15
N TYR A 55 -2.93 6.52 2.36
CA TYR A 55 -3.94 5.57 2.92
C TYR A 55 -3.67 5.33 4.40
N CYS A 56 -2.74 6.05 4.98
CA CYS A 56 -2.44 5.85 6.42
C CYS A 56 -3.48 6.59 7.26
N ASN A 57 -4.32 5.87 7.95
CA ASN A 57 -5.36 6.54 8.78
C ASN A 57 -6.09 7.59 7.94
N PHE A 1 12.53 -0.64 0.42
CA PHE A 1 11.27 0.14 0.41
C PHE A 1 11.53 1.50 -0.25
N VAL A 2 12.47 1.54 -1.17
CA VAL A 2 12.81 2.83 -1.84
C VAL A 2 12.16 2.91 -3.23
N ASN A 3 12.88 2.48 -4.25
CA ASN A 3 12.33 2.54 -5.65
C ASN A 3 11.83 1.15 -6.06
N GLN A 4 11.45 0.34 -5.12
CA GLN A 4 10.96 -1.02 -5.45
C GLN A 4 9.43 -1.01 -5.52
N HIS A 5 8.86 -2.00 -6.16
CA HIS A 5 7.38 -2.06 -6.30
C HIS A 5 6.78 -2.96 -5.20
N LEU A 6 5.70 -2.53 -4.61
CA LEU A 6 5.04 -3.33 -3.53
C LEU A 6 3.87 -4.11 -4.14
N CYS A 7 3.74 -5.36 -3.80
CA CYS A 7 2.60 -6.16 -4.34
C CYS A 7 2.20 -7.23 -3.32
N GLY A 8 0.96 -7.26 -2.93
CA GLY A 8 0.50 -8.26 -1.94
C GLY A 8 1.05 -7.94 -0.55
N SER A 9 1.33 -8.94 0.24
CA SER A 9 1.88 -8.69 1.61
C SER A 9 2.99 -7.64 1.57
N ASP A 10 3.75 -7.61 0.50
CA ASP A 10 4.84 -6.60 0.41
C ASP A 10 4.28 -5.22 0.78
N LEU A 11 3.19 -4.84 0.19
CA LEU A 11 2.58 -3.53 0.51
C LEU A 11 2.29 -3.44 2.02
N VAL A 12 1.61 -4.42 2.55
CA VAL A 12 1.28 -4.40 4.00
C VAL A 12 2.54 -4.10 4.83
N GLU A 13 3.49 -4.99 4.81
CA GLU A 13 4.74 -4.75 5.60
C GLU A 13 5.25 -3.33 5.32
N ALA A 14 4.97 -2.82 4.16
CA ALA A 14 5.44 -1.45 3.84
C ALA A 14 4.50 -0.42 4.51
N LEU A 15 3.23 -0.49 4.28
CA LEU A 15 2.33 0.50 4.94
C LEU A 15 2.62 0.50 6.44
N TYR A 16 2.93 -0.64 6.99
CA TYR A 16 3.22 -0.71 8.45
C TYR A 16 4.22 0.38 8.85
N LEU A 17 5.32 0.51 8.17
CA LEU A 17 6.29 1.59 8.55
C LEU A 17 5.66 2.94 8.24
N VAL A 18 5.17 3.10 7.05
CA VAL A 18 4.55 4.38 6.64
C VAL A 18 3.51 4.82 7.68
N CYS A 19 2.52 4.01 7.91
CA CYS A 19 1.45 4.37 8.88
C CYS A 19 1.97 4.19 10.30
N GLY A 20 2.95 3.35 10.48
CA GLY A 20 3.52 3.13 11.84
C GLY A 20 2.40 2.83 12.84
N GLU A 21 2.38 3.53 13.94
CA GLU A 21 1.34 3.28 14.98
C GLU A 21 -0.01 3.84 14.52
N ARG A 22 -0.03 4.69 13.54
CA ARG A 22 -1.32 5.26 13.09
C ARG A 22 -2.28 4.12 12.73
N GLY A 23 -1.74 3.00 12.32
CA GLY A 23 -2.63 1.87 11.94
C GLY A 23 -3.21 2.18 10.57
N PHE A 24 -3.63 1.20 9.82
CA PHE A 24 -4.19 1.48 8.47
C PHE A 24 -5.10 0.35 8.03
N PHE A 25 -5.77 0.55 6.94
CA PHE A 25 -6.70 -0.48 6.40
C PHE A 25 -6.20 -0.95 5.03
N TYR A 26 -6.05 -2.24 4.85
CA TYR A 26 -5.60 -2.72 3.53
C TYR A 26 -6.72 -2.44 2.54
N THR A 27 -6.50 -2.63 1.28
CA THR A 27 -7.58 -2.33 0.32
C THR A 27 -8.78 -3.25 0.60
N ASP A 28 -9.88 -3.04 -0.09
CA ASP A 28 -11.10 -3.86 0.18
C ASP A 28 -10.72 -5.37 0.33
N PRO A 29 -11.49 -6.11 1.11
CA PRO A 29 -11.22 -7.56 1.33
C PRO A 29 -11.71 -8.37 0.11
N THR A 30 -12.38 -7.75 -0.81
CA THR A 30 -12.93 -8.50 -1.99
C THR A 30 -11.82 -9.29 -2.69
N GLY A 31 -10.66 -8.73 -2.84
CA GLY A 31 -9.56 -9.49 -3.52
C GLY A 31 -9.88 -9.70 -5.01
N GLY A 32 -11.12 -9.51 -5.39
CA GLY A 32 -11.50 -9.69 -6.84
C GLY A 32 -11.47 -8.34 -7.55
N GLY A 33 -11.62 -7.29 -6.80
CA GLY A 33 -11.58 -5.93 -7.38
C GLY A 33 -11.54 -4.92 -6.24
N PRO A 34 -10.57 -5.05 -5.36
CA PRO A 34 -10.44 -4.16 -4.20
C PRO A 34 -9.95 -2.78 -4.64
N ARG A 35 -9.68 -1.91 -3.71
CA ARG A 35 -9.18 -0.55 -4.09
C ARG A 35 -7.86 -0.73 -4.82
N ARG A 36 -7.89 -0.96 -6.10
CA ARG A 36 -6.63 -1.13 -6.84
C ARG A 36 -5.80 0.14 -6.68
N GLY A 37 -6.46 1.25 -6.49
CA GLY A 37 -5.73 2.54 -6.32
C GLY A 37 -4.50 2.36 -5.42
N ILE A 38 -4.48 1.34 -4.59
CA ILE A 38 -3.29 1.13 -3.69
C ILE A 38 -2.40 0.02 -4.26
N VAL A 39 -2.96 -1.14 -4.51
CA VAL A 39 -2.13 -2.28 -5.03
C VAL A 39 -1.51 -1.97 -6.39
N GLU A 40 -2.31 -1.78 -7.41
CA GLU A 40 -1.72 -1.52 -8.75
C GLU A 40 -0.84 -0.27 -8.74
N GLN A 41 -1.26 0.77 -8.07
CA GLN A 41 -0.43 2.01 -8.04
C GLN A 41 1.00 1.65 -7.64
N CYS A 42 1.18 1.01 -6.53
CA CYS A 42 2.54 0.65 -6.07
C CYS A 42 3.01 -0.68 -6.69
N CYS A 43 2.10 -1.55 -7.05
CA CYS A 43 2.54 -2.86 -7.65
C CYS A 43 2.78 -2.68 -9.15
N HIS A 44 1.83 -2.15 -9.85
CA HIS A 44 2.01 -1.96 -11.32
C HIS A 44 3.06 -0.88 -11.56
N SER A 45 3.17 0.06 -10.65
CA SER A 45 4.18 1.15 -10.81
C SER A 45 4.88 1.41 -9.47
N ILE A 46 6.06 1.99 -9.51
CA ILE A 46 6.80 2.27 -8.25
C ILE A 46 6.20 3.53 -7.61
N CYS A 47 5.68 3.40 -6.41
CA CYS A 47 5.09 4.60 -5.71
C CYS A 47 5.96 4.99 -4.51
N SER A 48 5.88 6.21 -4.10
CA SER A 48 6.70 6.67 -2.93
C SER A 48 5.91 6.42 -1.64
N LEU A 49 6.57 6.51 -0.52
CA LEU A 49 5.88 6.31 0.78
C LEU A 49 4.77 7.34 0.90
N TYR A 50 5.00 8.49 0.34
CA TYR A 50 4.01 9.58 0.37
C TYR A 50 2.62 9.03 0.05
N GLN A 51 2.49 8.42 -1.08
CA GLN A 51 1.16 7.86 -1.47
C GLN A 51 0.75 6.82 -0.45
N LEU A 52 1.66 5.99 -0.04
CA LEU A 52 1.31 4.97 0.98
C LEU A 52 0.86 5.70 2.24
N GLU A 53 1.34 6.89 2.40
CA GLU A 53 0.97 7.71 3.58
C GLU A 53 -0.46 8.25 3.35
N ASN A 54 -0.96 8.05 2.16
CA ASN A 54 -2.33 8.54 1.83
C ASN A 54 -3.37 7.57 2.37
N TYR A 55 -3.02 6.32 2.54
CA TYR A 55 -4.00 5.31 3.05
C TYR A 55 -3.78 5.06 4.54
N CYS A 56 -2.90 5.80 5.17
CA CYS A 56 -2.67 5.58 6.63
C CYS A 56 -3.82 6.19 7.42
N ASN A 57 -4.63 5.38 8.04
CA ASN A 57 -5.78 5.90 8.83
C ASN A 57 -6.59 6.87 7.97
N PHE A 1 12.49 -0.53 0.16
CA PHE A 1 11.21 0.24 0.17
C PHE A 1 11.43 1.58 -0.53
N VAL A 2 12.32 1.61 -1.49
CA VAL A 2 12.62 2.89 -2.21
C VAL A 2 11.98 2.90 -3.61
N ASN A 3 12.71 2.46 -4.61
CA ASN A 3 12.17 2.45 -6.00
C ASN A 3 11.66 1.05 -6.34
N GLN A 4 11.29 0.28 -5.35
CA GLN A 4 10.79 -1.10 -5.61
C GLN A 4 9.26 -1.09 -5.66
N HIS A 5 8.69 -2.11 -6.25
CA HIS A 5 7.20 -2.18 -6.37
C HIS A 5 6.63 -3.03 -5.22
N LEU A 6 5.53 -2.60 -4.66
CA LEU A 6 4.89 -3.37 -3.54
C LEU A 6 3.71 -4.16 -4.10
N CYS A 7 3.59 -5.40 -3.73
CA CYS A 7 2.44 -6.22 -4.23
C CYS A 7 2.08 -7.27 -3.17
N GLY A 8 0.86 -7.29 -2.75
CA GLY A 8 0.43 -8.30 -1.73
C GLY A 8 1.03 -7.93 -0.36
N SER A 9 1.32 -8.91 0.45
CA SER A 9 1.90 -8.63 1.81
C SER A 9 3.01 -7.58 1.70
N ASP A 10 3.74 -7.56 0.61
CA ASP A 10 4.82 -6.55 0.46
C ASP A 10 4.26 -5.17 0.84
N LEU A 11 3.16 -4.81 0.26
CA LEU A 11 2.56 -3.48 0.58
C LEU A 11 2.31 -3.37 2.09
N VAL A 12 1.60 -4.31 2.65
CA VAL A 12 1.30 -4.25 4.11
C VAL A 12 2.59 -3.93 4.89
N GLU A 13 3.54 -4.82 4.88
CA GLU A 13 4.80 -4.57 5.63
C GLU A 13 5.31 -3.17 5.31
N ALA A 14 5.00 -2.67 4.14
CA ALA A 14 5.46 -1.30 3.78
C ALA A 14 4.55 -0.26 4.44
N LEU A 15 3.26 -0.33 4.25
CA LEU A 15 2.38 0.67 4.90
C LEU A 15 2.71 0.71 6.40
N TYR A 16 3.05 -0.42 6.97
CA TYR A 16 3.37 -0.46 8.42
C TYR A 16 4.38 0.65 8.77
N LEU A 17 5.46 0.77 8.03
CA LEU A 17 6.44 1.85 8.36
C LEU A 17 5.80 3.20 8.04
N VAL A 18 5.27 3.33 6.85
CA VAL A 18 4.63 4.60 6.45
C VAL A 18 3.63 5.04 7.52
N CYS A 19 2.67 4.22 7.81
CA CYS A 19 1.64 4.58 8.82
C CYS A 19 2.23 4.43 10.23
N GLY A 20 3.24 3.62 10.36
CA GLY A 20 3.87 3.43 11.69
C GLY A 20 2.80 3.06 12.73
N GLU A 21 2.81 3.72 13.85
CA GLU A 21 1.80 3.41 14.91
C GLU A 21 0.44 3.99 14.53
N ARG A 22 0.39 4.81 13.52
CA ARG A 22 -0.91 5.39 13.12
C ARG A 22 -1.90 4.27 12.78
N GLY A 23 -1.40 3.15 12.34
CA GLY A 23 -2.31 2.03 11.97
C GLY A 23 -2.96 2.36 10.63
N PHE A 24 -3.38 1.36 9.90
CA PHE A 24 -4.00 1.64 8.58
C PHE A 24 -4.91 0.48 8.16
N PHE A 25 -5.63 0.68 7.10
CA PHE A 25 -6.56 -0.38 6.60
C PHE A 25 -6.08 -0.86 5.22
N TYR A 26 -6.11 -2.14 4.98
CA TYR A 26 -5.68 -2.65 3.65
C TYR A 26 -6.82 -2.39 2.68
N THR A 27 -6.61 -2.58 1.41
CA THR A 27 -7.69 -2.32 0.44
C THR A 27 -8.86 -3.26 0.70
N ASP A 28 -9.95 -3.09 -0.01
CA ASP A 28 -11.16 -3.95 0.20
C ASP A 28 -10.74 -5.44 0.37
N PRO A 29 -11.48 -6.21 1.16
CA PRO A 29 -11.17 -7.64 1.37
C PRO A 29 -11.65 -8.48 0.18
N THR A 30 -12.34 -7.87 -0.74
CA THR A 30 -12.89 -8.64 -1.90
C THR A 30 -11.78 -9.43 -2.60
N GLY A 31 -10.63 -8.85 -2.78
CA GLY A 31 -9.51 -9.58 -3.45
C GLY A 31 -9.85 -9.83 -4.93
N GLY A 32 -11.10 -9.66 -5.31
CA GLY A 32 -11.48 -9.88 -6.75
C GLY A 32 -11.48 -8.53 -7.47
N GLY A 33 -11.52 -7.47 -6.73
CA GLY A 33 -11.51 -6.12 -7.33
C GLY A 33 -11.45 -5.08 -6.20
N PRO A 34 -10.46 -5.21 -5.34
CA PRO A 34 -10.30 -4.30 -4.20
C PRO A 34 -9.90 -2.90 -4.69
N ARG A 35 -9.64 -2.02 -3.78
CA ARG A 35 -9.23 -0.64 -4.16
C ARG A 35 -7.97 -0.72 -5.03
N ARG A 36 -8.14 -0.90 -6.32
CA ARG A 36 -6.95 -0.99 -7.20
C ARG A 36 -6.15 0.31 -7.07
N GLY A 37 -6.64 1.24 -6.30
CA GLY A 37 -5.92 2.53 -6.13
C GLY A 37 -4.67 2.33 -5.29
N ILE A 38 -4.62 1.31 -4.45
CA ILE A 38 -3.41 1.08 -3.59
C ILE A 38 -2.54 -0.05 -4.18
N VAL A 39 -3.11 -1.21 -4.40
CA VAL A 39 -2.30 -2.34 -4.90
C VAL A 39 -1.74 -2.05 -6.30
N GLU A 40 -2.58 -1.89 -7.28
CA GLU A 40 -2.06 -1.63 -8.65
C GLU A 40 -1.14 -0.41 -8.66
N GLN A 41 -1.53 0.65 -8.01
CA GLN A 41 -0.68 1.87 -7.99
C GLN A 41 0.75 1.51 -7.62
N CYS A 42 0.95 0.90 -6.49
CA CYS A 42 2.33 0.55 -6.06
C CYS A 42 2.78 -0.80 -6.66
N CYS A 43 1.86 -1.68 -6.99
CA CYS A 43 2.28 -2.99 -7.58
C CYS A 43 2.50 -2.83 -9.08
N HIS A 44 1.53 -2.30 -9.78
CA HIS A 44 1.68 -2.13 -11.25
C HIS A 44 2.75 -1.06 -11.52
N SER A 45 2.93 -0.14 -10.59
CA SER A 45 3.95 0.93 -10.79
C SER A 45 4.72 1.14 -9.49
N ILE A 46 5.74 1.95 -9.53
CA ILE A 46 6.55 2.21 -8.30
C ILE A 46 6.02 3.47 -7.61
N CYS A 47 5.22 3.32 -6.60
CA CYS A 47 4.67 4.51 -5.89
C CYS A 47 5.60 4.90 -4.74
N SER A 48 5.61 6.15 -4.37
CA SER A 48 6.49 6.62 -3.26
C SER A 48 5.74 6.43 -1.93
N LEU A 49 6.46 6.52 -0.83
CA LEU A 49 5.79 6.37 0.49
C LEU A 49 4.68 7.40 0.61
N TYR A 50 4.89 8.55 0.05
CA TYR A 50 3.89 9.63 0.07
C TYR A 50 2.50 9.06 -0.23
N GLN A 51 2.38 8.42 -1.35
CA GLN A 51 1.06 7.84 -1.72
C GLN A 51 0.66 6.83 -0.66
N LEU A 52 1.58 6.02 -0.22
CA LEU A 52 1.24 5.03 0.82
C LEU A 52 0.79 5.79 2.06
N GLU A 53 1.35 6.94 2.27
CA GLU A 53 0.96 7.76 3.46
C GLU A 53 -0.45 8.27 3.22
N ASN A 54 -0.96 8.08 2.03
CA ASN A 54 -2.33 8.55 1.70
C ASN A 54 -3.36 7.60 2.32
N TYR A 55 -3.00 6.36 2.50
CA TYR A 55 -3.96 5.37 3.10
C TYR A 55 -3.60 5.11 4.56
N CYS A 56 -2.66 5.85 5.10
CA CYS A 56 -2.29 5.64 6.53
C CYS A 56 -3.33 6.31 7.43
N ASN A 57 -4.15 5.53 8.09
CA ASN A 57 -5.18 6.12 8.99
C ASN A 57 -5.94 7.22 8.24
N PHE A 1 12.47 -0.79 0.19
CA PHE A 1 11.23 0.03 0.22
C PHE A 1 11.50 1.38 -0.45
N VAL A 2 12.42 1.40 -1.39
CA VAL A 2 12.77 2.69 -2.06
C VAL A 2 12.12 2.76 -3.45
N ASN A 3 12.80 2.32 -4.47
CA ASN A 3 12.25 2.38 -5.86
C ASN A 3 11.73 0.99 -6.27
N GLN A 4 11.35 0.19 -5.32
CA GLN A 4 10.85 -1.18 -5.65
C GLN A 4 9.32 -1.17 -5.72
N HIS A 5 8.75 -2.15 -6.36
CA HIS A 5 7.27 -2.21 -6.51
C HIS A 5 6.65 -3.04 -5.37
N LEU A 6 5.59 -2.54 -4.78
CA LEU A 6 4.91 -3.28 -3.68
C LEU A 6 3.70 -4.02 -4.27
N CYS A 7 3.56 -5.27 -3.96
CA CYS A 7 2.41 -6.04 -4.50
C CYS A 7 2.02 -7.14 -3.49
N GLY A 8 0.79 -7.15 -3.08
CA GLY A 8 0.35 -8.20 -2.09
C GLY A 8 0.95 -7.89 -0.72
N SER A 9 1.22 -8.91 0.06
CA SER A 9 1.81 -8.70 1.42
C SER A 9 2.93 -7.67 1.36
N ASP A 10 3.66 -7.61 0.28
CA ASP A 10 4.77 -6.61 0.18
C ASP A 10 4.23 -5.23 0.59
N LEU A 11 3.12 -4.83 0.03
CA LEU A 11 2.55 -3.52 0.39
C LEU A 11 2.29 -3.45 1.90
N VAL A 12 1.55 -4.40 2.42
CA VAL A 12 1.25 -4.40 3.88
C VAL A 12 2.53 -4.14 4.68
N GLU A 13 3.46 -5.05 4.64
CA GLU A 13 4.73 -4.85 5.41
C GLU A 13 5.27 -3.44 5.14
N ALA A 14 4.95 -2.88 4.01
CA ALA A 14 5.44 -1.51 3.71
C ALA A 14 4.53 -0.48 4.41
N LEU A 15 3.25 -0.54 4.20
CA LEU A 15 2.37 0.45 4.89
C LEU A 15 2.68 0.42 6.39
N TYR A 16 3.02 -0.72 6.92
CA TYR A 16 3.33 -0.83 8.37
C TYR A 16 4.35 0.25 8.77
N LEU A 17 5.45 0.38 8.06
CA LEU A 17 6.44 1.42 8.44
C LEU A 17 5.82 2.80 8.17
N VAL A 18 5.29 2.98 6.99
CA VAL A 18 4.67 4.28 6.63
C VAL A 18 3.69 4.70 7.71
N CYS A 19 2.69 3.90 7.96
CA CYS A 19 1.67 4.25 8.99
C CYS A 19 2.25 4.03 10.39
N GLY A 20 3.23 3.19 10.49
CA GLY A 20 3.85 2.93 11.83
C GLY A 20 2.77 2.59 12.86
N GLU A 21 2.72 3.32 13.93
CA GLU A 21 1.71 3.04 15.00
C GLU A 21 0.35 3.62 14.61
N ARG A 22 0.31 4.51 13.68
CA ARG A 22 -0.99 5.11 13.28
C ARG A 22 -1.96 4.00 12.89
N GLY A 23 -1.46 2.88 12.43
CA GLY A 23 -2.36 1.78 12.02
C GLY A 23 -2.99 2.14 10.67
N PHE A 24 -3.42 1.17 9.93
CA PHE A 24 -4.02 1.47 8.61
C PHE A 24 -4.95 0.34 8.17
N PHE A 25 -5.66 0.56 7.09
CA PHE A 25 -6.60 -0.47 6.56
C PHE A 25 -6.13 -0.91 5.18
N TYR A 26 -6.14 -2.19 4.92
CA TYR A 26 -5.71 -2.66 3.57
C TYR A 26 -6.86 -2.37 2.60
N THR A 27 -6.63 -2.54 1.33
CA THR A 27 -7.73 -2.24 0.37
C THR A 27 -8.90 -3.20 0.58
N ASP A 28 -9.98 -3.00 -0.11
CA ASP A 28 -11.18 -3.87 0.06
C ASP A 28 -10.74 -5.36 0.13
N PRO A 29 -11.47 -6.19 0.88
CA PRO A 29 -11.15 -7.63 1.00
C PRO A 29 -11.63 -8.40 -0.24
N THR A 30 -12.33 -7.74 -1.13
CA THR A 30 -12.87 -8.45 -2.32
C THR A 30 -11.76 -9.18 -3.09
N GLY A 31 -10.61 -8.59 -3.23
CA GLY A 31 -9.50 -9.28 -3.95
C GLY A 31 -9.86 -9.42 -5.44
N GLY A 32 -11.10 -9.24 -5.80
CA GLY A 32 -11.49 -9.37 -7.24
C GLY A 32 -11.52 -7.98 -7.88
N GLY A 33 -11.59 -6.97 -7.06
CA GLY A 33 -11.60 -5.58 -7.58
C GLY A 33 -11.53 -4.63 -6.39
N PRO A 34 -10.53 -4.79 -5.56
CA PRO A 34 -10.34 -3.96 -4.36
C PRO A 34 -9.94 -2.54 -4.78
N ARG A 35 -9.65 -1.70 -3.81
CA ARG A 35 -9.22 -0.32 -4.13
C ARG A 35 -7.97 -0.39 -5.01
N ARG A 36 -8.15 -0.49 -6.29
CA ARG A 36 -6.97 -0.55 -7.19
C ARG A 36 -6.14 0.70 -6.99
N GLY A 37 -6.66 1.62 -6.23
CA GLY A 37 -5.92 2.90 -5.97
C GLY A 37 -4.66 2.63 -5.15
N ILE A 38 -4.63 1.58 -4.36
CA ILE A 38 -3.41 1.29 -3.53
C ILE A 38 -2.55 0.19 -4.18
N VAL A 39 -3.13 -0.96 -4.42
CA VAL A 39 -2.33 -2.09 -4.98
C VAL A 39 -1.76 -1.75 -6.36
N GLU A 40 -2.59 -1.54 -7.34
CA GLU A 40 -2.07 -1.23 -8.71
C GLU A 40 -1.15 0.00 -8.65
N GLN A 41 -1.56 1.04 -7.97
CA GLN A 41 -0.71 2.26 -7.90
C GLN A 41 0.73 1.88 -7.54
N CYS A 42 0.91 1.22 -6.44
CA CYS A 42 2.29 0.85 -6.01
C CYS A 42 2.76 -0.46 -6.68
N CYS A 43 1.85 -1.32 -7.03
CA CYS A 43 2.27 -2.60 -7.68
C CYS A 43 2.49 -2.36 -9.18
N HIS A 44 1.52 -1.80 -9.84
CA HIS A 44 1.68 -1.52 -11.30
C HIS A 44 2.72 -0.42 -11.49
N SER A 45 2.88 0.45 -10.52
CA SER A 45 3.87 1.55 -10.63
C SER A 45 4.64 1.71 -9.32
N ILE A 46 5.78 2.33 -9.35
CA ILE A 46 6.57 2.52 -8.10
C ILE A 46 6.05 3.75 -7.37
N CYS A 47 5.23 3.57 -6.36
CA CYS A 47 4.70 4.74 -5.61
C CYS A 47 5.63 5.07 -4.44
N SER A 48 5.74 6.32 -4.08
CA SER A 48 6.63 6.69 -2.95
C SER A 48 5.88 6.46 -1.63
N LEU A 49 6.58 6.48 -0.53
CA LEU A 49 5.92 6.28 0.78
C LEU A 49 4.82 7.33 0.93
N TYR A 50 5.07 8.49 0.40
CA TYR A 50 4.07 9.58 0.46
C TYR A 50 2.69 9.05 0.13
N GLN A 51 2.55 8.47 -1.02
CA GLN A 51 1.23 7.91 -1.42
C GLN A 51 0.80 6.86 -0.42
N LEU A 52 1.71 6.04 0.00
CA LEU A 52 1.33 5.00 1.00
C LEU A 52 0.89 5.72 2.27
N GLU A 53 1.48 6.85 2.53
CA GLU A 53 1.11 7.63 3.73
C GLU A 53 -0.31 8.18 3.51
N ASN A 54 -0.80 8.05 2.32
CA ASN A 54 -2.16 8.56 2.00
C ASN A 54 -3.21 7.61 2.59
N TYR A 55 -2.88 6.34 2.73
CA TYR A 55 -3.86 5.35 3.30
C TYR A 55 -3.53 5.07 4.76
N CYS A 56 -2.58 5.78 5.33
CA CYS A 56 -2.24 5.53 6.76
C CYS A 56 -3.26 6.25 7.64
N ASN A 57 -4.10 5.51 8.32
CA ASN A 57 -5.11 6.16 9.21
C ASN A 57 -5.84 7.24 8.43
N PHE A 1 12.60 -0.42 0.40
CA PHE A 1 11.31 0.32 0.37
C PHE A 1 11.52 1.67 -0.33
N VAL A 2 12.43 1.70 -1.27
CA VAL A 2 12.73 2.99 -1.99
C VAL A 2 12.03 3.01 -3.35
N ASN A 3 12.69 2.56 -4.39
CA ASN A 3 12.09 2.56 -5.76
C ASN A 3 11.66 1.14 -6.13
N GLN A 4 11.34 0.34 -5.17
CA GLN A 4 10.91 -1.06 -5.45
C GLN A 4 9.38 -1.13 -5.52
N HIS A 5 8.87 -2.16 -6.12
CA HIS A 5 7.39 -2.31 -6.26
C HIS A 5 6.81 -3.13 -5.10
N LEU A 6 5.73 -2.67 -4.53
CA LEU A 6 5.09 -3.40 -3.40
C LEU A 6 3.92 -4.22 -3.96
N CYS A 7 3.83 -5.47 -3.62
CA CYS A 7 2.71 -6.32 -4.13
C CYS A 7 2.35 -7.36 -3.06
N GLY A 8 1.11 -7.40 -2.66
CA GLY A 8 0.68 -8.40 -1.63
C GLY A 8 1.24 -7.99 -0.25
N SER A 9 1.52 -8.95 0.59
CA SER A 9 2.06 -8.63 1.95
C SER A 9 3.15 -7.57 1.85
N ASP A 10 3.90 -7.56 0.77
CA ASP A 10 4.97 -6.54 0.63
C ASP A 10 4.40 -5.15 0.97
N LEU A 11 3.29 -4.82 0.37
CA LEU A 11 2.67 -3.49 0.66
C LEU A 11 2.40 -3.36 2.16
N VAL A 12 1.68 -4.29 2.73
CA VAL A 12 1.37 -4.23 4.18
C VAL A 12 2.63 -3.89 4.97
N GLU A 13 3.60 -4.77 4.98
CA GLU A 13 4.84 -4.51 5.74
C GLU A 13 5.34 -3.10 5.42
N ALA A 14 5.05 -2.62 4.24
CA ALA A 14 5.51 -1.25 3.87
C ALA A 14 4.57 -0.22 4.51
N LEU A 15 3.29 -0.31 4.30
CA LEU A 15 2.39 0.70 4.93
C LEU A 15 2.70 0.75 6.43
N TYR A 16 3.03 -0.36 7.02
CA TYR A 16 3.33 -0.38 8.48
C TYR A 16 4.32 0.74 8.84
N LEU A 17 5.41 0.87 8.12
CA LEU A 17 6.38 1.95 8.45
C LEU A 17 5.73 3.29 8.11
N VAL A 18 5.22 3.40 6.90
CA VAL A 18 4.59 4.66 6.46
C VAL A 18 3.56 5.13 7.49
N CYS A 19 2.58 4.31 7.76
CA CYS A 19 1.53 4.70 8.73
C CYS A 19 2.06 4.56 10.16
N GLY A 20 3.05 3.75 10.34
CA GLY A 20 3.64 3.58 11.70
C GLY A 20 2.55 3.20 12.70
N GLU A 21 2.53 3.84 13.83
CA GLU A 21 1.50 3.51 14.87
C GLU A 21 0.14 4.08 14.46
N ARG A 22 0.11 4.95 13.48
CA ARG A 22 -1.19 5.53 13.06
C ARG A 22 -2.15 4.41 12.69
N GLY A 23 -1.63 3.28 12.27
CA GLY A 23 -2.52 2.16 11.89
C GLY A 23 -3.12 2.45 10.52
N PHE A 24 -3.52 1.46 9.79
CA PHE A 24 -4.10 1.71 8.45
C PHE A 24 -5.00 0.55 8.03
N PHE A 25 -5.69 0.72 6.95
CA PHE A 25 -6.61 -0.34 6.44
C PHE A 25 -6.10 -0.86 5.09
N TYR A 26 -6.05 -2.14 4.92
CA TYR A 26 -5.60 -2.67 3.60
C TYR A 26 -6.72 -2.42 2.60
N THR A 27 -6.49 -2.65 1.34
CA THR A 27 -7.57 -2.38 0.35
C THR A 27 -8.76 -3.29 0.64
N ASP A 28 -9.85 -3.11 -0.07
CA ASP A 28 -11.06 -3.93 0.18
C ASP A 28 -10.68 -5.42 0.36
N PRO A 29 -11.42 -6.16 1.20
CA PRO A 29 -11.14 -7.59 1.43
C PRO A 29 -11.68 -8.44 0.26
N THR A 30 -12.36 -7.83 -0.66
CA THR A 30 -12.96 -8.60 -1.79
C THR A 30 -11.88 -9.43 -2.50
N GLY A 31 -10.72 -8.88 -2.70
CA GLY A 31 -9.64 -9.66 -3.38
C GLY A 31 -10.01 -9.92 -4.84
N GLY A 32 -11.26 -9.75 -5.21
CA GLY A 32 -11.67 -9.99 -6.63
C GLY A 32 -11.66 -8.66 -7.38
N GLY A 33 -11.60 -7.58 -6.66
CA GLY A 33 -11.57 -6.24 -7.29
C GLY A 33 -11.45 -5.19 -6.17
N PRO A 34 -10.42 -5.33 -5.35
CA PRO A 34 -10.21 -4.40 -4.23
C PRO A 34 -9.80 -3.02 -4.75
N ARG A 35 -9.50 -2.13 -3.86
CA ARG A 35 -9.06 -0.77 -4.26
C ARG A 35 -7.80 -0.89 -5.13
N ARG A 36 -7.97 -1.08 -6.41
CA ARG A 36 -6.78 -1.19 -7.29
C ARG A 36 -5.98 0.10 -7.20
N GLY A 37 -6.44 1.05 -6.43
CA GLY A 37 -5.72 2.34 -6.29
C GLY A 37 -4.48 2.17 -5.41
N ILE A 38 -4.45 1.17 -4.55
CA ILE A 38 -3.26 0.96 -3.66
C ILE A 38 -2.36 -0.15 -4.21
N VAL A 39 -2.91 -1.32 -4.41
CA VAL A 39 -2.07 -2.47 -4.88
C VAL A 39 -1.47 -2.18 -6.25
N GLU A 40 -2.29 -2.05 -7.26
CA GLU A 40 -1.74 -1.80 -8.63
C GLU A 40 -0.82 -0.57 -8.62
N GLN A 41 -1.28 0.51 -8.06
CA GLN A 41 -0.44 1.74 -8.03
C GLN A 41 1.00 1.41 -7.61
N CYS A 42 1.17 0.82 -6.46
CA CYS A 42 2.54 0.49 -5.99
C CYS A 42 3.03 -0.84 -6.57
N CYS A 43 2.13 -1.75 -6.89
CA CYS A 43 2.58 -3.06 -7.45
C CYS A 43 2.84 -2.91 -8.95
N HIS A 44 1.88 -2.37 -9.67
CA HIS A 44 2.06 -2.20 -11.13
C HIS A 44 3.06 -1.06 -11.39
N SER A 45 3.17 -0.13 -10.48
CA SER A 45 4.12 1.02 -10.67
C SER A 45 4.86 1.30 -9.37
N ILE A 46 6.00 1.94 -9.45
CA ILE A 46 6.78 2.26 -8.22
C ILE A 46 6.19 3.50 -7.56
N CYS A 47 5.39 3.34 -6.54
CA CYS A 47 4.80 4.52 -5.85
C CYS A 47 5.69 4.94 -4.69
N SER A 48 5.70 6.20 -4.37
CA SER A 48 6.55 6.69 -3.24
C SER A 48 5.80 6.47 -1.92
N LEU A 49 6.50 6.58 -0.82
CA LEU A 49 5.83 6.41 0.50
C LEU A 49 4.70 7.43 0.60
N TYR A 50 4.91 8.57 0.01
CA TYR A 50 3.89 9.64 0.01
C TYR A 50 2.52 9.05 -0.27
N GLN A 51 2.39 8.41 -1.39
CA GLN A 51 1.08 7.81 -1.74
C GLN A 51 0.68 6.81 -0.67
N LEU A 52 1.61 6.01 -0.23
CA LEU A 52 1.28 5.03 0.82
C LEU A 52 0.83 5.79 2.06
N GLU A 53 1.31 6.99 2.19
CA GLU A 53 0.91 7.83 3.36
C GLU A 53 -0.51 8.34 3.11
N ASN A 54 -1.02 8.10 1.94
CA ASN A 54 -2.39 8.56 1.58
C ASN A 54 -3.43 7.60 2.18
N TYR A 55 -3.06 6.36 2.37
CA TYR A 55 -4.03 5.36 2.93
C TYR A 55 -3.77 5.15 4.42
N CYS A 56 -2.89 5.90 5.01
CA CYS A 56 -2.63 5.71 6.47
C CYS A 56 -3.73 6.40 7.28
N ASN A 57 -4.55 5.63 7.95
CA ASN A 57 -5.64 6.25 8.76
C ASN A 57 -6.37 7.30 7.93
N PHE A 1 12.49 -0.71 0.44
CA PHE A 1 11.22 0.09 0.40
C PHE A 1 11.49 1.40 -0.34
N VAL A 2 12.41 1.39 -1.28
CA VAL A 2 12.75 2.62 -2.02
C VAL A 2 12.11 2.62 -3.42
N ASN A 3 12.81 2.12 -4.40
CA ASN A 3 12.27 2.08 -5.80
C ASN A 3 11.77 0.68 -6.12
N GLN A 4 11.39 -0.07 -5.12
CA GLN A 4 10.90 -1.46 -5.37
C GLN A 4 9.37 -1.46 -5.44
N HIS A 5 8.81 -2.48 -6.03
CA HIS A 5 7.34 -2.56 -6.18
C HIS A 5 6.72 -3.33 -5.00
N LEU A 6 5.62 -2.84 -4.48
CA LEU A 6 4.94 -3.52 -3.33
C LEU A 6 3.75 -4.30 -3.88
N CYS A 7 3.63 -5.54 -3.50
CA CYS A 7 2.48 -6.36 -3.99
C CYS A 7 2.09 -7.37 -2.91
N GLY A 8 0.84 -7.37 -2.51
CA GLY A 8 0.39 -8.33 -1.46
C GLY A 8 0.97 -7.92 -0.09
N SER A 9 1.25 -8.87 0.76
CA SER A 9 1.81 -8.56 2.10
C SER A 9 2.93 -7.53 1.98
N ASP A 10 3.67 -7.56 0.91
CA ASP A 10 4.78 -6.57 0.75
C ASP A 10 4.23 -5.17 1.07
N LEU A 11 3.14 -4.81 0.48
CA LEU A 11 2.55 -3.47 0.73
C LEU A 11 2.28 -3.31 2.24
N VAL A 12 1.55 -4.23 2.82
CA VAL A 12 1.25 -4.12 4.27
C VAL A 12 2.52 -3.80 5.06
N GLU A 13 3.46 -4.72 5.09
CA GLU A 13 4.72 -4.45 5.84
C GLU A 13 5.25 -3.07 5.48
N ALA A 14 4.91 -2.58 4.32
CA ALA A 14 5.38 -1.23 3.92
C ALA A 14 4.48 -0.16 4.54
N LEU A 15 3.18 -0.24 4.32
CA LEU A 15 2.30 0.80 4.93
C LEU A 15 2.61 0.87 6.43
N TYR A 16 2.95 -0.24 7.03
CA TYR A 16 3.25 -0.23 8.49
C TYR A 16 4.26 0.87 8.83
N LEU A 17 5.36 0.95 8.11
CA LEU A 17 6.34 2.03 8.43
C LEU A 17 5.71 3.38 8.06
N VAL A 18 5.20 3.47 6.87
CA VAL A 18 4.59 4.75 6.41
C VAL A 18 3.58 5.24 7.45
N CYS A 19 2.60 4.44 7.74
CA CYS A 19 1.57 4.85 8.72
C CYS A 19 2.12 4.72 10.14
N GLY A 20 3.10 3.90 10.32
CA GLY A 20 3.69 3.73 11.68
C GLY A 20 2.58 3.50 12.71
N GLU A 21 2.55 4.28 13.75
CA GLU A 21 1.50 4.10 14.80
C GLU A 21 0.17 4.68 14.33
N ARG A 22 0.19 5.48 13.29
CA ARG A 22 -1.08 6.07 12.80
C ARG A 22 -2.09 4.95 12.51
N GLY A 23 -1.61 3.78 12.19
CA GLY A 23 -2.54 2.66 11.88
C GLY A 23 -3.14 2.89 10.49
N PHE A 24 -3.57 1.86 9.82
CA PHE A 24 -4.13 2.04 8.47
C PHE A 24 -5.05 0.88 8.11
N PHE A 25 -5.72 1.00 7.00
CA PHE A 25 -6.65 -0.07 6.53
C PHE A 25 -6.16 -0.61 5.19
N TYR A 26 -6.17 -1.91 5.02
CA TYR A 26 -5.72 -2.47 3.72
C TYR A 26 -6.84 -2.28 2.71
N THR A 27 -6.60 -2.52 1.46
CA THR A 27 -7.68 -2.32 0.46
C THR A 27 -8.83 -3.30 0.71
N ASP A 28 -9.89 -3.19 -0.03
CA ASP A 28 -11.07 -4.09 0.18
C ASP A 28 -10.58 -5.56 0.38
N PRO A 29 -11.31 -6.34 1.17
CA PRO A 29 -10.95 -7.76 1.42
C PRO A 29 -11.36 -8.62 0.22
N THR A 30 -12.02 -8.06 -0.74
CA THR A 30 -12.50 -8.86 -1.91
C THR A 30 -11.34 -9.62 -2.56
N GLY A 31 -10.20 -9.01 -2.70
CA GLY A 31 -9.04 -9.72 -3.32
C GLY A 31 -9.32 -10.00 -4.81
N GLY A 32 -10.55 -9.91 -5.24
CA GLY A 32 -10.87 -10.18 -6.68
C GLY A 32 -10.95 -8.85 -7.42
N GLY A 33 -11.10 -7.78 -6.69
CA GLY A 33 -11.17 -6.43 -7.32
C GLY A 33 -11.18 -5.38 -6.20
N PRO A 34 -10.18 -5.44 -5.35
CA PRO A 34 -10.07 -4.50 -4.21
C PRO A 34 -9.72 -3.10 -4.72
N ARG A 35 -9.51 -2.19 -3.82
CA ARG A 35 -9.12 -0.81 -4.23
C ARG A 35 -7.87 -0.89 -5.09
N ARG A 36 -8.02 -1.10 -6.37
CA ARG A 36 -6.83 -1.19 -7.24
C ARG A 36 -6.05 0.13 -7.15
N GLY A 37 -6.53 1.05 -6.38
CA GLY A 37 -5.82 2.36 -6.24
C GLY A 37 -4.57 2.19 -5.37
N ILE A 38 -4.54 1.20 -4.51
CA ILE A 38 -3.33 1.01 -3.62
C ILE A 38 -2.46 -0.14 -4.17
N VAL A 39 -3.01 -1.31 -4.33
CA VAL A 39 -2.19 -2.47 -4.81
C VAL A 39 -1.61 -2.21 -6.19
N GLU A 40 -2.44 -2.09 -7.19
CA GLU A 40 -1.92 -1.88 -8.57
C GLU A 40 -1.00 -0.65 -8.61
N GLN A 41 -1.42 0.43 -8.01
CA GLN A 41 -0.57 1.66 -8.03
C GLN A 41 0.86 1.33 -7.62
N CYS A 42 1.04 0.75 -6.46
CA CYS A 42 2.41 0.42 -5.99
C CYS A 42 2.89 -0.94 -6.54
N CYS A 43 1.99 -1.83 -6.86
CA CYS A 43 2.42 -3.15 -7.40
C CYS A 43 2.68 -3.03 -8.90
N HIS A 44 1.74 -2.50 -9.63
CA HIS A 44 1.93 -2.35 -11.10
C HIS A 44 2.95 -1.24 -11.36
N SER A 45 3.08 -0.31 -10.45
CA SER A 45 4.06 0.82 -10.64
C SER A 45 4.81 1.07 -9.34
N ILE A 46 5.97 1.67 -9.41
CA ILE A 46 6.76 1.96 -8.18
C ILE A 46 6.23 3.24 -7.54
N CYS A 47 5.40 3.13 -6.53
CA CYS A 47 4.84 4.35 -5.88
C CYS A 47 5.75 4.76 -4.72
N SER A 48 5.81 6.04 -4.42
CA SER A 48 6.66 6.50 -3.29
C SER A 48 5.90 6.34 -1.97
N LEU A 49 6.58 6.46 -0.87
CA LEU A 49 5.89 6.33 0.45
C LEU A 49 4.79 7.37 0.51
N TYR A 50 5.03 8.49 -0.09
CA TYR A 50 4.04 9.59 -0.11
C TYR A 50 2.66 9.03 -0.42
N GLN A 51 2.53 8.38 -1.52
CA GLN A 51 1.20 7.80 -1.90
C GLN A 51 0.77 6.81 -0.83
N LEU A 52 1.68 6.02 -0.35
CA LEU A 52 1.30 5.06 0.71
C LEU A 52 0.85 5.86 1.91
N GLU A 53 1.42 7.01 2.09
CA GLU A 53 1.03 7.87 3.24
C GLU A 53 -0.38 8.40 2.97
N ASN A 54 -0.87 8.17 1.78
CA ASN A 54 -2.23 8.64 1.41
C ASN A 54 -3.27 7.74 2.06
N TYR A 55 -2.93 6.50 2.29
CA TYR A 55 -3.91 5.54 2.90
C TYR A 55 -3.60 5.36 4.39
N CYS A 56 -2.66 6.11 4.93
CA CYS A 56 -2.34 5.96 6.37
C CYS A 56 -3.38 6.75 7.19
N ASN A 57 -4.24 6.07 7.89
CA ASN A 57 -5.28 6.78 8.70
C ASN A 57 -6.00 7.78 7.81
N PHE A 1 12.39 -0.22 -0.50
CA PHE A 1 11.17 0.64 -0.45
C PHE A 1 11.47 1.95 -1.17
N VAL A 2 12.42 1.95 -2.07
CA VAL A 2 12.79 3.20 -2.79
C VAL A 2 12.06 3.28 -4.13
N ASN A 3 12.66 2.78 -5.18
CA ASN A 3 12.02 2.84 -6.54
C ASN A 3 11.50 1.47 -6.94
N GLN A 4 11.18 0.65 -5.97
CA GLN A 4 10.67 -0.72 -6.28
C GLN A 4 9.14 -0.72 -6.25
N HIS A 5 8.53 -1.66 -6.91
CA HIS A 5 7.05 -1.75 -6.95
C HIS A 5 6.53 -2.60 -5.79
N LEU A 6 5.48 -2.17 -5.14
CA LEU A 6 4.91 -2.94 -4.01
C LEU A 6 3.74 -3.79 -4.53
N CYS A 7 3.80 -5.08 -4.36
CA CYS A 7 2.70 -5.97 -4.84
C CYS A 7 2.44 -7.05 -3.81
N GLY A 8 1.21 -7.19 -3.36
CA GLY A 8 0.88 -8.22 -2.36
C GLY A 8 1.48 -7.85 -0.99
N SER A 9 1.81 -8.82 -0.19
CA SER A 9 2.39 -8.54 1.16
C SER A 9 3.44 -7.43 1.07
N ASP A 10 4.11 -7.31 -0.04
CA ASP A 10 5.14 -6.25 -0.17
C ASP A 10 4.53 -4.91 0.28
N LEU A 11 3.39 -4.57 -0.25
CA LEU A 11 2.75 -3.29 0.15
C LEU A 11 2.56 -3.28 1.67
N VAL A 12 1.98 -4.30 2.22
CA VAL A 12 1.76 -4.34 3.69
C VAL A 12 3.07 -3.99 4.42
N GLU A 13 4.06 -4.84 4.31
CA GLU A 13 5.36 -4.55 4.99
C GLU A 13 5.78 -3.11 4.72
N ALA A 14 5.35 -2.56 3.62
CA ALA A 14 5.71 -1.16 3.30
C ALA A 14 4.79 -0.20 4.07
N LEU A 15 3.49 -0.33 3.93
CA LEU A 15 2.60 0.59 4.70
C LEU A 15 3.02 0.56 6.18
N TYR A 16 3.47 -0.57 6.65
CA TYR A 16 3.88 -0.67 8.08
C TYR A 16 4.85 0.47 8.43
N LEU A 17 5.89 0.67 7.66
CA LEU A 17 6.83 1.78 7.98
C LEU A 17 6.11 3.10 7.79
N VAL A 18 5.50 3.27 6.64
CA VAL A 18 4.78 4.53 6.35
C VAL A 18 3.84 4.88 7.50
N CYS A 19 2.93 4.00 7.80
CA CYS A 19 1.96 4.28 8.89
C CYS A 19 2.63 4.07 10.25
N GLY A 20 3.67 3.29 10.28
CA GLY A 20 4.38 3.05 11.56
C GLY A 20 3.38 2.70 12.66
N GLU A 21 3.36 3.44 13.74
CA GLU A 21 2.43 3.14 14.85
C GLU A 21 1.03 3.66 14.52
N ARG A 22 0.91 4.49 13.52
CA ARG A 22 -0.43 5.02 13.17
C ARG A 22 -1.39 3.86 12.89
N GLY A 23 -0.88 2.75 12.44
CA GLY A 23 -1.76 1.61 12.12
C GLY A 23 -2.48 1.90 10.80
N PHE A 24 -2.89 0.90 10.09
CA PHE A 24 -3.58 1.16 8.80
C PHE A 24 -4.46 -0.02 8.41
N PHE A 25 -5.22 0.15 7.37
CA PHE A 25 -6.13 -0.93 6.88
C PHE A 25 -5.72 -1.33 5.47
N TYR A 26 -5.57 -2.60 5.22
CA TYR A 26 -5.21 -3.02 3.84
C TYR A 26 -6.42 -2.80 2.95
N THR A 27 -6.28 -2.93 1.68
CA THR A 27 -7.46 -2.70 0.80
C THR A 27 -8.54 -3.75 1.10
N ASP A 28 -9.68 -3.62 0.48
CA ASP A 28 -10.81 -4.58 0.75
C ASP A 28 -10.26 -6.03 0.84
N PRO A 29 -10.91 -6.88 1.62
CA PRO A 29 -10.49 -8.31 1.76
C PRO A 29 -10.95 -9.13 0.54
N THR A 30 -11.73 -8.55 -0.32
CA THR A 30 -12.25 -9.31 -1.49
C THR A 30 -11.11 -9.96 -2.28
N GLY A 31 -10.02 -9.29 -2.46
CA GLY A 31 -8.89 -9.92 -3.22
C GLY A 31 -9.26 -10.09 -4.69
N GLY A 32 -10.53 -10.00 -5.03
CA GLY A 32 -10.95 -10.17 -6.46
C GLY A 32 -11.06 -8.80 -7.12
N GLY A 33 -11.29 -7.79 -6.34
CA GLY A 33 -11.39 -6.41 -6.88
C GLY A 33 -11.42 -5.43 -5.72
N PRO A 34 -10.42 -5.51 -4.86
CA PRO A 34 -10.33 -4.63 -3.67
C PRO A 34 -10.00 -3.19 -4.10
N ARG A 35 -9.79 -2.32 -3.15
CA ARG A 35 -9.43 -0.92 -3.49
C ARG A 35 -8.17 -0.94 -4.35
N ARG A 36 -8.31 -1.07 -5.63
CA ARG A 36 -7.10 -1.10 -6.50
C ARG A 36 -6.33 0.20 -6.28
N GLY A 37 -7.03 1.26 -5.99
CA GLY A 37 -6.36 2.58 -5.77
C GLY A 37 -5.06 2.41 -4.96
N ILE A 38 -4.94 1.36 -4.18
CA ILE A 38 -3.67 1.16 -3.39
C ILE A 38 -2.77 0.11 -4.08
N VAL A 39 -3.29 -1.06 -4.32
CA VAL A 39 -2.45 -2.13 -4.93
C VAL A 39 -1.95 -1.74 -6.33
N GLU A 40 -2.82 -1.58 -7.27
CA GLU A 40 -2.35 -1.25 -8.66
C GLU A 40 -1.56 0.06 -8.67
N GLN A 41 -1.95 1.02 -7.88
CA GLN A 41 -1.20 2.31 -7.87
C GLN A 41 0.28 2.03 -7.58
N CYS A 42 0.56 1.38 -6.48
CA CYS A 42 1.97 1.09 -6.13
C CYS A 42 2.47 -0.21 -6.79
N CYS A 43 1.58 -1.10 -7.14
CA CYS A 43 2.03 -2.38 -7.78
C CYS A 43 2.22 -2.16 -9.29
N HIS A 44 1.23 -1.65 -9.95
CA HIS A 44 1.37 -1.41 -11.42
C HIS A 44 2.36 -0.27 -11.65
N SER A 45 2.50 0.61 -10.69
CA SER A 45 3.45 1.76 -10.86
C SER A 45 4.23 1.95 -9.55
N ILE A 46 5.35 2.64 -9.63
CA ILE A 46 6.18 2.88 -8.41
C ILE A 46 5.63 4.12 -7.69
N CYS A 47 4.86 3.91 -6.65
CA CYS A 47 4.29 5.09 -5.89
C CYS A 47 5.24 5.47 -4.76
N SER A 48 5.22 6.71 -4.35
CA SER A 48 6.10 7.16 -3.24
C SER A 48 5.42 6.85 -1.91
N LEU A 49 6.15 6.95 -0.83
CA LEU A 49 5.54 6.68 0.51
C LEU A 49 4.39 7.65 0.73
N TYR A 50 4.53 8.82 0.21
CA TYR A 50 3.48 9.85 0.36
C TYR A 50 2.11 9.25 0.11
N GLN A 51 1.93 8.68 -1.05
CA GLN A 51 0.61 8.07 -1.36
C GLN A 51 0.32 6.96 -0.38
N LEU A 52 1.30 6.18 -0.05
CA LEU A 52 1.06 5.10 0.94
C LEU A 52 0.66 5.76 2.24
N GLU A 53 1.17 6.94 2.48
CA GLU A 53 0.82 7.66 3.72
C GLU A 53 -0.63 8.13 3.61
N ASN A 54 -1.20 7.98 2.45
CA ASN A 54 -2.61 8.40 2.23
C ASN A 54 -3.55 7.38 2.86
N TYR A 55 -3.12 6.13 2.95
CA TYR A 55 -3.99 5.08 3.55
C TYR A 55 -3.56 4.79 4.99
N CYS A 56 -2.62 5.55 5.51
CA CYS A 56 -2.18 5.30 6.91
C CYS A 56 -3.18 5.94 7.88
N ASN A 57 -3.94 5.13 8.57
CA ASN A 57 -4.94 5.69 9.54
C ASN A 57 -5.77 6.76 8.82
N PHE A 1 12.57 -0.05 0.10
CA PHE A 1 11.27 0.67 0.09
C PHE A 1 11.43 1.99 -0.65
N VAL A 2 12.32 2.03 -1.60
CA VAL A 2 12.57 3.29 -2.36
C VAL A 2 11.80 3.27 -3.70
N ASN A 3 12.43 2.81 -4.74
CA ASN A 3 11.78 2.77 -6.09
C ASN A 3 11.40 1.33 -6.44
N GLN A 4 11.15 0.52 -5.45
CA GLN A 4 10.79 -0.89 -5.71
C GLN A 4 9.26 -1.03 -5.73
N HIS A 5 8.76 -2.08 -6.33
CA HIS A 5 7.29 -2.29 -6.42
C HIS A 5 6.78 -3.08 -5.22
N LEU A 6 5.73 -2.62 -4.60
CA LEU A 6 5.14 -3.34 -3.43
C LEU A 6 4.01 -4.24 -3.95
N CYS A 7 4.06 -5.51 -3.62
CA CYS A 7 2.98 -6.43 -4.08
C CYS A 7 2.67 -7.44 -2.98
N GLY A 8 1.43 -7.54 -2.59
CA GLY A 8 1.05 -8.51 -1.52
C GLY A 8 1.58 -8.03 -0.17
N SER A 9 1.87 -8.95 0.72
CA SER A 9 2.38 -8.57 2.07
C SER A 9 3.43 -7.46 1.96
N ASP A 10 4.16 -7.41 0.88
CA ASP A 10 5.19 -6.35 0.73
C ASP A 10 4.56 -5.00 1.04
N LEU A 11 3.45 -4.69 0.42
CA LEU A 11 2.79 -3.39 0.68
C LEU A 11 2.54 -3.25 2.18
N VAL A 12 1.89 -4.22 2.77
CA VAL A 12 1.61 -4.14 4.23
C VAL A 12 2.87 -3.75 4.99
N GLU A 13 3.87 -4.59 5.00
CA GLU A 13 5.12 -4.27 5.73
C GLU A 13 5.56 -2.84 5.37
N ALA A 14 5.23 -2.39 4.19
CA ALA A 14 5.61 -1.02 3.78
C ALA A 14 4.67 -0.01 4.44
N LEU A 15 3.38 -0.14 4.25
CA LEU A 15 2.46 0.84 4.90
C LEU A 15 2.80 0.92 6.40
N TYR A 16 3.19 -0.18 6.98
CA TYR A 16 3.54 -0.17 8.44
C TYR A 16 4.50 0.99 8.74
N LEU A 17 5.57 1.14 7.99
CA LEU A 17 6.50 2.27 8.28
C LEU A 17 5.80 3.58 7.94
N VAL A 18 5.26 3.65 6.76
CA VAL A 18 4.57 4.90 6.33
C VAL A 18 3.57 5.32 7.40
N CYS A 19 2.64 4.47 7.71
CA CYS A 19 1.61 4.81 8.73
C CYS A 19 2.20 4.71 10.13
N GLY A 20 3.24 3.95 10.28
CA GLY A 20 3.89 3.82 11.62
C GLY A 20 2.83 3.51 12.68
N GLU A 21 2.73 4.33 13.69
CA GLU A 21 1.74 4.09 14.77
C GLU A 21 0.35 4.54 14.34
N ARG A 22 0.26 5.34 13.31
CA ARG A 22 -1.07 5.82 12.87
C ARG A 22 -1.97 4.62 12.58
N GLY A 23 -1.40 3.51 12.21
CA GLY A 23 -2.23 2.32 11.90
C GLY A 23 -2.89 2.52 10.54
N PHE A 24 -3.26 1.46 9.86
CA PHE A 24 -3.90 1.63 8.53
C PHE A 24 -4.76 0.42 8.19
N PHE A 25 -5.48 0.51 7.12
CA PHE A 25 -6.35 -0.61 6.67
C PHE A 25 -5.88 -1.11 5.31
N TYR A 26 -5.87 -2.39 5.09
CA TYR A 26 -5.46 -2.91 3.76
C TYR A 26 -6.62 -2.73 2.79
N THR A 27 -6.41 -2.95 1.53
CA THR A 27 -7.52 -2.77 0.56
C THR A 27 -8.64 -3.77 0.83
N ASP A 28 -9.73 -3.63 0.12
CA ASP A 28 -10.90 -4.54 0.32
C ASP A 28 -10.43 -6.02 0.40
N PRO A 29 -11.12 -6.86 1.17
CA PRO A 29 -10.76 -8.29 1.31
C PRO A 29 -11.21 -9.10 0.08
N THR A 30 -11.93 -8.50 -0.82
CA THR A 30 -12.44 -9.25 -2.00
C THR A 30 -11.30 -9.98 -2.71
N GLY A 31 -10.18 -9.37 -2.86
CA GLY A 31 -9.04 -10.05 -3.54
C GLY A 31 -9.35 -10.28 -5.02
N GLY A 32 -10.59 -10.17 -5.42
CA GLY A 32 -10.95 -10.38 -6.86
C GLY A 32 -11.03 -9.02 -7.55
N GLY A 33 -11.07 -7.98 -6.78
CA GLY A 33 -11.13 -6.62 -7.34
C GLY A 33 -11.11 -5.62 -6.17
N PRO A 34 -10.09 -5.72 -5.34
CA PRO A 34 -9.97 -4.83 -4.17
C PRO A 34 -9.66 -3.41 -4.61
N ARG A 35 -9.43 -2.53 -3.68
CA ARG A 35 -9.09 -1.12 -4.04
C ARG A 35 -7.86 -1.15 -4.95
N ARG A 36 -8.06 -1.30 -6.23
CA ARG A 36 -6.90 -1.33 -7.16
C ARG A 36 -6.16 0.01 -7.05
N GLY A 37 -6.63 0.90 -6.22
CA GLY A 37 -5.95 2.21 -6.08
C GLY A 37 -4.69 2.06 -5.22
N ILE A 38 -4.61 1.04 -4.38
CA ILE A 38 -3.40 0.86 -3.52
C ILE A 38 -2.49 -0.23 -4.10
N VAL A 39 -3.01 -1.42 -4.29
CA VAL A 39 -2.16 -2.54 -4.79
C VAL A 39 -1.60 -2.25 -6.17
N GLU A 40 -2.45 -2.12 -7.17
CA GLU A 40 -1.93 -1.85 -8.54
C GLU A 40 -1.03 -0.61 -8.55
N GLN A 41 -1.49 0.46 -7.97
CA GLN A 41 -0.68 1.72 -7.96
C GLN A 41 0.77 1.40 -7.57
N CYS A 42 0.98 0.83 -6.43
CA CYS A 42 2.37 0.53 -5.99
C CYS A 42 2.87 -0.81 -6.55
N CYS A 43 1.98 -1.74 -6.82
CA CYS A 43 2.44 -3.06 -7.36
C CYS A 43 2.64 -2.96 -8.87
N HIS A 44 1.66 -2.48 -9.58
CA HIS A 44 1.80 -2.35 -11.06
C HIS A 44 2.78 -1.23 -11.39
N SER A 45 2.91 -0.26 -10.51
CA SER A 45 3.86 0.87 -10.77
C SER A 45 4.64 1.20 -9.49
N ILE A 46 5.73 1.89 -9.63
CA ILE A 46 6.55 2.26 -8.44
C ILE A 46 5.97 3.52 -7.79
N CYS A 47 5.21 3.37 -6.74
CA CYS A 47 4.63 4.57 -6.06
C CYS A 47 5.55 5.05 -4.94
N SER A 48 5.41 6.28 -4.52
CA SER A 48 6.27 6.80 -3.43
C SER A 48 5.55 6.60 -2.09
N LEU A 49 6.23 6.76 -1.01
CA LEU A 49 5.58 6.59 0.32
C LEU A 49 4.43 7.57 0.42
N TYR A 50 4.59 8.70 -0.20
CA TYR A 50 3.54 9.74 -0.19
C TYR A 50 2.18 9.11 -0.44
N GLN A 51 2.04 8.44 -1.53
CA GLN A 51 0.74 7.79 -1.85
C GLN A 51 0.41 6.79 -0.76
N LEU A 52 1.37 6.03 -0.34
CA LEU A 52 1.10 5.05 0.73
C LEU A 52 0.64 5.81 1.96
N GLU A 53 1.15 7.00 2.12
CA GLU A 53 0.76 7.84 3.28
C GLU A 53 -0.69 8.30 3.07
N ASN A 54 -1.21 8.05 1.90
CA ASN A 54 -2.61 8.46 1.58
C ASN A 54 -3.59 7.48 2.24
N TYR A 55 -3.18 6.26 2.44
CA TYR A 55 -4.08 5.24 3.08
C TYR A 55 -3.70 5.04 4.54
N CYS A 56 -2.79 5.83 5.05
CA CYS A 56 -2.39 5.67 6.48
C CYS A 56 -3.46 6.31 7.37
N ASN A 57 -4.29 5.51 7.99
CA ASN A 57 -5.34 6.08 8.87
C ASN A 57 -6.07 7.21 8.14
N PHE A 1 12.51 -0.84 0.46
CA PHE A 1 11.25 -0.05 0.44
C PHE A 1 11.52 1.29 -0.25
N VAL A 2 12.43 1.31 -1.19
CA VAL A 2 12.77 2.58 -1.90
C VAL A 2 12.16 2.61 -3.31
N ASN A 3 12.88 2.13 -4.29
CA ASN A 3 12.36 2.14 -5.69
C ASN A 3 11.85 0.75 -6.06
N GLN A 4 11.45 -0.01 -5.09
CA GLN A 4 10.94 -1.39 -5.36
C GLN A 4 9.41 -1.37 -5.45
N HIS A 5 8.84 -2.37 -6.06
CA HIS A 5 7.36 -2.42 -6.22
C HIS A 5 6.74 -3.25 -5.09
N LEU A 6 5.66 -2.78 -4.53
CA LEU A 6 4.97 -3.52 -3.42
C LEU A 6 3.81 -4.32 -4.01
N CYS A 7 3.73 -5.58 -3.69
CA CYS A 7 2.61 -6.43 -4.22
C CYS A 7 2.18 -7.43 -3.15
N GLY A 8 0.93 -7.45 -2.81
CA GLY A 8 0.44 -8.40 -1.78
C GLY A 8 0.95 -8.01 -0.39
N SER A 9 1.14 -8.96 0.48
CA SER A 9 1.63 -8.65 1.87
C SER A 9 2.77 -7.63 1.81
N ASP A 10 3.54 -7.64 0.75
CA ASP A 10 4.66 -6.65 0.66
C ASP A 10 4.13 -5.26 0.99
N LEU A 11 3.06 -4.86 0.35
CA LEU A 11 2.48 -3.53 0.63
C LEU A 11 2.19 -3.40 2.14
N VAL A 12 1.45 -4.31 2.68
CA VAL A 12 1.13 -4.25 4.14
C VAL A 12 2.39 -3.97 4.95
N GLU A 13 3.31 -4.89 4.95
CA GLU A 13 4.57 -4.67 5.73
C GLU A 13 5.12 -3.28 5.42
N ALA A 14 4.85 -2.78 4.25
CA ALA A 14 5.36 -1.43 3.89
C ALA A 14 4.46 -0.36 4.54
N LEU A 15 3.18 -0.40 4.31
CA LEU A 15 2.30 0.63 4.95
C LEU A 15 2.61 0.65 6.44
N TYR A 16 2.90 -0.49 7.02
CA TYR A 16 3.20 -0.53 8.49
C TYR A 16 4.22 0.55 8.85
N LEU A 17 5.32 0.64 8.14
CA LEU A 17 6.33 1.69 8.49
C LEU A 17 5.72 3.06 8.17
N VAL A 18 5.23 3.20 6.97
CA VAL A 18 4.63 4.49 6.55
C VAL A 18 3.63 4.97 7.61
N CYS A 19 2.62 4.18 7.85
CA CYS A 19 1.59 4.58 8.85
C CYS A 19 2.14 4.39 10.27
N GLY A 20 3.11 3.54 10.42
CA GLY A 20 3.69 3.33 11.78
C GLY A 20 2.59 2.98 12.78
N GLU A 21 2.56 3.65 13.89
CA GLU A 21 1.53 3.36 14.93
C GLU A 21 0.19 3.97 14.51
N ARG A 22 0.19 4.83 13.54
CA ARG A 22 -1.09 5.46 13.11
C ARG A 22 -2.08 4.36 12.72
N GLY A 23 -1.59 3.24 12.29
CA GLY A 23 -2.52 2.13 11.89
C GLY A 23 -3.12 2.48 10.53
N PHE A 24 -3.55 1.50 9.78
CA PHE A 24 -4.13 1.81 8.44
C PHE A 24 -5.06 0.67 8.01
N PHE A 25 -5.75 0.87 6.92
CA PHE A 25 -6.69 -0.17 6.40
C PHE A 25 -6.20 -0.67 5.04
N TYR A 26 -6.28 -1.94 4.81
CA TYR A 26 -5.84 -2.47 3.49
C TYR A 26 -6.94 -2.21 2.47
N THR A 27 -6.70 -2.43 1.22
CA THR A 27 -7.75 -2.16 0.21
C THR A 27 -8.95 -3.09 0.44
N ASP A 28 -10.00 -2.89 -0.33
CA ASP A 28 -11.23 -3.72 -0.15
C ASP A 28 -10.86 -5.22 -0.05
N PRO A 29 -11.65 -6.01 0.67
CA PRO A 29 -11.39 -7.47 0.82
C PRO A 29 -11.87 -8.23 -0.43
N THR A 30 -12.51 -7.55 -1.34
CA THR A 30 -13.05 -8.26 -2.54
C THR A 30 -11.95 -9.05 -3.26
N GLY A 31 -10.78 -8.51 -3.38
CA GLY A 31 -9.68 -9.26 -4.06
C GLY A 31 -9.99 -9.42 -5.55
N GLY A 32 -11.22 -9.20 -5.95
CA GLY A 32 -11.58 -9.34 -7.40
C GLY A 32 -11.53 -7.96 -8.06
N GLY A 33 -11.55 -6.93 -7.25
CA GLY A 33 -11.50 -5.55 -7.78
C GLY A 33 -11.43 -4.58 -6.60
N PRO A 34 -10.45 -4.78 -5.74
CA PRO A 34 -10.27 -3.93 -4.55
C PRO A 34 -9.82 -2.53 -4.97
N ARG A 35 -9.54 -1.68 -4.02
CA ARG A 35 -9.07 -0.31 -4.35
C ARG A 35 -7.80 -0.43 -5.21
N ARG A 36 -7.96 -0.57 -6.49
CA ARG A 36 -6.75 -0.69 -7.36
C ARG A 36 -5.91 0.57 -7.17
N GLY A 37 -6.43 1.52 -6.46
CA GLY A 37 -5.68 2.78 -6.23
C GLY A 37 -4.44 2.53 -5.37
N ILE A 38 -4.46 1.50 -4.54
CA ILE A 38 -3.27 1.22 -3.66
C ILE A 38 -2.42 0.06 -4.23
N VAL A 39 -3.02 -1.09 -4.45
CA VAL A 39 -2.23 -2.26 -4.95
C VAL A 39 -1.62 -1.97 -6.32
N GLU A 40 -2.41 -1.78 -7.34
CA GLU A 40 -1.84 -1.53 -8.68
C GLU A 40 -0.88 -0.33 -8.65
N GLN A 41 -1.29 0.76 -8.05
CA GLN A 41 -0.41 1.95 -8.00
C GLN A 41 1.01 1.56 -7.58
N CYS A 42 1.15 0.94 -6.44
CA CYS A 42 2.51 0.54 -5.97
C CYS A 42 2.93 -0.81 -6.57
N CYS A 43 2.00 -1.66 -6.89
CA CYS A 43 2.38 -2.99 -7.47
C CYS A 43 2.60 -2.83 -8.98
N HIS A 44 1.65 -2.26 -9.67
CA HIS A 44 1.82 -2.08 -11.13
C HIS A 44 2.88 -1.02 -11.39
N SER A 45 3.05 -0.10 -10.47
CA SER A 45 4.09 0.97 -10.65
C SER A 45 4.83 1.18 -9.34
N ILE A 46 5.99 1.78 -9.39
CA ILE A 46 6.78 2.02 -8.15
C ILE A 46 6.28 3.31 -7.47
N CYS A 47 5.45 3.18 -6.46
CA CYS A 47 4.94 4.39 -5.76
C CYS A 47 5.86 4.75 -4.59
N SER A 48 5.93 6.01 -4.23
CA SER A 48 6.80 6.41 -3.09
C SER A 48 6.02 6.27 -1.79
N LEU A 49 6.71 6.35 -0.67
CA LEU A 49 6.00 6.22 0.63
C LEU A 49 4.93 7.29 0.71
N TYR A 50 5.19 8.42 0.13
CA TYR A 50 4.22 9.53 0.12
C TYR A 50 2.84 9.00 -0.20
N GLN A 51 2.72 8.36 -1.32
CA GLN A 51 1.39 7.81 -1.73
C GLN A 51 0.92 6.82 -0.67
N LEU A 52 1.80 6.00 -0.20
CA LEU A 52 1.40 5.02 0.83
C LEU A 52 0.95 5.79 2.06
N GLU A 53 1.55 6.93 2.28
CA GLU A 53 1.17 7.76 3.45
C GLU A 53 -0.24 8.33 3.18
N ASN A 54 -0.71 8.15 1.99
CA ASN A 54 -2.05 8.65 1.61
C ASN A 54 -3.13 7.74 2.21
N TYR A 55 -2.82 6.49 2.41
CA TYR A 55 -3.82 5.54 3.00
C TYR A 55 -3.51 5.29 4.47
N CYS A 56 -2.57 6.00 5.04
CA CYS A 56 -2.25 5.79 6.48
C CYS A 56 -3.28 6.53 7.34
N ASN A 57 -4.20 5.80 7.91
CA ASN A 57 -5.23 6.46 8.77
C ASN A 57 -5.87 7.62 8.00
N PHE A 1 12.51 -0.99 0.69
CA PHE A 1 11.24 -0.22 0.66
C PHE A 1 11.51 1.13 -0.01
N VAL A 2 12.42 1.17 -0.94
CA VAL A 2 12.77 2.45 -1.62
C VAL A 2 12.08 2.53 -2.99
N ASN A 3 12.74 2.07 -4.03
CA ASN A 3 12.16 2.12 -5.41
C ASN A 3 11.70 0.72 -5.82
N GLN A 4 11.35 -0.10 -4.88
CA GLN A 4 10.90 -1.48 -5.20
C GLN A 4 9.38 -1.52 -5.31
N HIS A 5 8.86 -2.52 -5.97
CA HIS A 5 7.38 -2.62 -6.17
C HIS A 5 6.74 -3.42 -5.02
N LEU A 6 5.69 -2.90 -4.46
CA LEU A 6 4.98 -3.61 -3.36
C LEU A 6 3.78 -4.36 -3.95
N CYS A 7 3.62 -5.61 -3.61
CA CYS A 7 2.47 -6.38 -4.14
C CYS A 7 2.02 -7.42 -3.10
N GLY A 8 0.78 -7.39 -2.73
CA GLY A 8 0.29 -8.38 -1.73
C GLY A 8 0.85 -8.04 -0.34
N SER A 9 1.08 -9.04 0.47
CA SER A 9 1.62 -8.80 1.84
C SER A 9 2.76 -7.77 1.79
N ASP A 10 3.52 -7.76 0.72
CA ASP A 10 4.64 -6.78 0.62
C ASP A 10 4.10 -5.38 0.96
N LEU A 11 3.02 -5.00 0.35
CA LEU A 11 2.44 -3.65 0.63
C LEU A 11 2.12 -3.54 2.12
N VAL A 12 1.31 -4.43 2.63
CA VAL A 12 0.95 -4.38 4.08
C VAL A 12 2.20 -4.12 4.93
N GLU A 13 3.11 -5.06 4.95
CA GLU A 13 4.34 -4.87 5.76
C GLU A 13 4.93 -3.49 5.48
N ALA A 14 4.73 -2.98 4.30
CA ALA A 14 5.27 -1.62 3.98
C ALA A 14 4.37 -0.56 4.61
N LEU A 15 3.09 -0.57 4.34
CA LEU A 15 2.21 0.46 4.96
C LEU A 15 2.47 0.48 6.47
N TYR A 16 2.72 -0.66 7.05
CA TYR A 16 2.96 -0.72 8.52
C TYR A 16 3.99 0.33 8.93
N LEU A 17 5.12 0.41 8.27
CA LEU A 17 6.13 1.44 8.65
C LEU A 17 5.57 2.81 8.31
N VAL A 18 5.10 2.97 7.10
CA VAL A 18 4.55 4.27 6.66
C VAL A 18 3.51 4.77 7.66
N CYS A 19 2.48 4.01 7.88
CA CYS A 19 1.41 4.43 8.82
C CYS A 19 1.89 4.25 10.26
N GLY A 20 2.83 3.38 10.46
CA GLY A 20 3.35 3.16 11.85
C GLY A 20 2.20 2.90 12.81
N GLU A 21 2.16 3.61 13.90
CA GLU A 21 1.06 3.41 14.90
C GLU A 21 -0.23 4.06 14.41
N ARG A 22 -0.15 4.90 13.42
CA ARG A 22 -1.38 5.57 12.92
C ARG A 22 -2.39 4.49 12.54
N GLY A 23 -1.94 3.33 12.17
CA GLY A 23 -2.88 2.25 11.78
C GLY A 23 -3.41 2.56 10.38
N PHE A 24 -3.84 1.56 9.65
CA PHE A 24 -4.36 1.82 8.29
C PHE A 24 -5.30 0.71 7.86
N PHE A 25 -5.94 0.90 6.75
CA PHE A 25 -6.88 -0.12 6.21
C PHE A 25 -6.38 -0.63 4.87
N TYR A 26 -6.40 -1.92 4.65
CA TYR A 26 -5.94 -2.44 3.35
C TYR A 26 -7.00 -2.10 2.31
N THR A 27 -6.74 -2.32 1.06
CA THR A 27 -7.77 -1.97 0.04
C THR A 27 -9.02 -2.82 0.25
N ASP A 28 -10.05 -2.56 -0.49
CA ASP A 28 -11.33 -3.32 -0.33
C ASP A 28 -11.04 -4.83 -0.12
N PRO A 29 -11.85 -5.52 0.67
CA PRO A 29 -11.65 -6.98 0.94
C PRO A 29 -12.15 -7.81 -0.26
N THR A 30 -12.77 -7.19 -1.22
CA THR A 30 -13.31 -7.96 -2.38
C THR A 30 -12.23 -8.82 -3.02
N GLY A 31 -11.04 -8.31 -3.16
CA GLY A 31 -9.95 -9.12 -3.77
C GLY A 31 -10.23 -9.39 -5.25
N GLY A 32 -11.46 -9.18 -5.69
CA GLY A 32 -11.79 -9.42 -7.13
C GLY A 32 -11.71 -8.10 -7.89
N GLY A 33 -11.66 -7.02 -7.16
CA GLY A 33 -11.56 -5.68 -7.79
C GLY A 33 -11.47 -4.64 -6.67
N PRO A 34 -10.49 -4.79 -5.81
CA PRO A 34 -10.30 -3.88 -4.67
C PRO A 34 -9.82 -2.51 -5.17
N ARG A 35 -9.52 -1.63 -4.25
CA ARG A 35 -9.04 -0.28 -4.64
C ARG A 35 -7.74 -0.43 -5.43
N ARG A 36 -7.83 -0.61 -6.72
CA ARG A 36 -6.58 -0.75 -7.52
C ARG A 36 -5.74 0.50 -7.34
N GLY A 37 -6.24 1.46 -6.62
CA GLY A 37 -5.48 2.72 -6.41
C GLY A 37 -4.27 2.47 -5.50
N ILE A 38 -4.32 1.44 -4.67
CA ILE A 38 -3.15 1.16 -3.75
C ILE A 38 -2.30 0.00 -4.31
N VAL A 39 -2.91 -1.13 -4.55
CA VAL A 39 -2.12 -2.30 -5.03
C VAL A 39 -1.46 -2.03 -6.38
N GLU A 40 -2.23 -1.84 -7.42
CA GLU A 40 -1.62 -1.61 -8.76
C GLU A 40 -0.67 -0.41 -8.71
N GLN A 41 -1.07 0.67 -8.09
CA GLN A 41 -0.19 1.86 -8.02
C GLN A 41 1.21 1.46 -7.57
N CYS A 42 1.32 0.84 -6.44
CA CYS A 42 2.67 0.43 -5.94
C CYS A 42 3.10 -0.91 -6.53
N CYS A 43 2.18 -1.77 -6.89
CA CYS A 43 2.57 -3.09 -7.48
C CYS A 43 2.84 -2.93 -8.97
N HIS A 44 1.91 -2.36 -9.68
CA HIS A 44 2.12 -2.17 -11.15
C HIS A 44 3.20 -1.10 -11.36
N SER A 45 3.32 -0.17 -10.44
CA SER A 45 4.35 0.90 -10.58
C SER A 45 5.05 1.12 -9.23
N ILE A 46 6.19 1.75 -9.27
CA ILE A 46 6.95 2.00 -8.00
C ILE A 46 6.43 3.27 -7.33
N CYS A 47 5.58 3.12 -6.34
CA CYS A 47 5.04 4.33 -5.63
C CYS A 47 5.93 4.67 -4.44
N SER A 48 6.07 5.92 -4.12
CA SER A 48 6.91 6.32 -2.96
C SER A 48 6.11 6.16 -1.66
N LEU A 49 6.77 6.21 -0.55
CA LEU A 49 6.05 6.07 0.75
C LEU A 49 4.97 7.14 0.82
N TYR A 50 5.26 8.28 0.26
CA TYR A 50 4.28 9.39 0.25
C TYR A 50 2.89 8.87 -0.09
N GLN A 51 2.77 8.25 -1.21
CA GLN A 51 1.45 7.72 -1.62
C GLN A 51 0.97 6.71 -0.58
N LEU A 52 1.85 5.89 -0.10
CA LEU A 52 1.45 4.90 0.92
C LEU A 52 0.98 5.68 2.15
N GLU A 53 1.53 6.84 2.33
CA GLU A 53 1.15 7.69 3.49
C GLU A 53 -0.24 8.27 3.22
N ASN A 54 -0.71 8.08 2.02
CA ASN A 54 -2.05 8.61 1.63
C ASN A 54 -3.15 7.69 2.18
N TYR A 55 -2.85 6.43 2.38
CA TYR A 55 -3.88 5.48 2.90
C TYR A 55 -3.68 5.25 4.40
N CYS A 56 -2.78 5.96 5.02
CA CYS A 56 -2.57 5.76 6.48
C CYS A 56 -3.60 6.57 7.26
N ASN A 57 -4.52 5.91 7.91
CA ASN A 57 -5.56 6.64 8.70
C ASN A 57 -6.12 7.80 7.86
N PHE A 1 12.52 -0.66 0.28
CA PHE A 1 11.25 0.14 0.30
C PHE A 1 11.52 1.49 -0.36
N VAL A 2 12.42 1.54 -1.30
CA VAL A 2 12.75 2.84 -1.97
C VAL A 2 12.06 2.93 -3.34
N ASN A 3 12.74 2.51 -4.38
CA ASN A 3 12.16 2.58 -5.76
C ASN A 3 11.68 1.20 -6.19
N GLN A 4 11.32 0.37 -5.25
CA GLN A 4 10.86 -1.00 -5.59
C GLN A 4 9.33 -1.02 -5.64
N HIS A 5 8.77 -2.03 -6.27
CA HIS A 5 7.29 -2.12 -6.40
C HIS A 5 6.71 -2.99 -5.27
N LEU A 6 5.63 -2.55 -4.68
CA LEU A 6 4.97 -3.31 -3.58
C LEU A 6 3.79 -4.09 -4.16
N CYS A 7 3.69 -5.35 -3.87
CA CYS A 7 2.54 -6.15 -4.40
C CYS A 7 2.15 -7.23 -3.37
N GLY A 8 0.91 -7.25 -2.98
CA GLY A 8 0.48 -8.28 -1.98
C GLY A 8 1.04 -7.94 -0.61
N SER A 9 1.30 -8.93 0.20
CA SER A 9 1.84 -8.68 1.57
C SER A 9 2.97 -7.64 1.52
N ASP A 10 3.70 -7.59 0.44
CA ASP A 10 4.81 -6.59 0.34
C ASP A 10 4.27 -5.22 0.73
N LEU A 11 3.16 -4.83 0.16
CA LEU A 11 2.57 -3.51 0.49
C LEU A 11 2.30 -3.44 2.00
N VAL A 12 1.58 -4.38 2.53
CA VAL A 12 1.27 -4.36 4.00
C VAL A 12 2.54 -4.07 4.79
N GLU A 13 3.48 -4.97 4.77
CA GLU A 13 4.74 -4.75 5.54
C GLU A 13 5.26 -3.34 5.26
N ALA A 14 4.95 -2.80 4.11
CA ALA A 14 5.43 -1.44 3.78
C ALA A 14 4.51 -0.41 4.46
N LEU A 15 3.23 -0.47 4.24
CA LEU A 15 2.34 0.52 4.91
C LEU A 15 2.65 0.51 6.42
N TYR A 16 2.97 -0.63 6.96
CA TYR A 16 3.27 -0.70 8.41
C TYR A 16 4.29 0.38 8.80
N LEU A 17 5.39 0.51 8.10
CA LEU A 17 6.37 1.57 8.47
C LEU A 17 5.74 2.93 8.18
N VAL A 18 5.23 3.10 7.00
CA VAL A 18 4.60 4.39 6.61
C VAL A 18 3.60 4.82 7.68
N CYS A 19 2.62 4.00 7.93
CA CYS A 19 1.58 4.34 8.94
C CYS A 19 2.15 4.14 10.34
N GLY A 20 3.14 3.32 10.47
CA GLY A 20 3.73 3.07 11.82
C GLY A 20 2.64 2.72 12.82
N GLU A 21 2.61 3.42 13.93
CA GLU A 21 1.58 3.12 14.96
C GLU A 21 0.23 3.73 14.55
N ARG A 22 0.23 4.57 13.57
CA ARG A 22 -1.04 5.21 13.14
C ARG A 22 -2.05 4.11 12.77
N GLY A 23 -1.58 2.97 12.35
CA GLY A 23 -2.51 1.88 11.96
C GLY A 23 -3.10 2.22 10.59
N PHE A 24 -3.52 1.23 9.84
CA PHE A 24 -4.09 1.53 8.50
C PHE A 24 -5.03 0.40 8.07
N PHE A 25 -5.70 0.61 6.98
CA PHE A 25 -6.64 -0.42 6.45
C PHE A 25 -6.16 -0.89 5.08
N TYR A 26 -6.11 -2.17 4.85
CA TYR A 26 -5.68 -2.66 3.52
C TYR A 26 -6.80 -2.34 2.53
N THR A 27 -6.57 -2.53 1.27
CA THR A 27 -7.66 -2.21 0.30
C THR A 27 -8.85 -3.15 0.55
N ASP A 28 -9.93 -2.93 -0.15
CA ASP A 28 -11.15 -3.76 0.05
C ASP A 28 -10.76 -5.26 0.17
N PRO A 29 -11.49 -6.03 0.95
CA PRO A 29 -11.21 -7.48 1.12
C PRO A 29 -11.74 -8.27 -0.09
N THR A 30 -12.42 -7.63 -0.98
CA THR A 30 -13.00 -8.35 -2.15
C THR A 30 -11.92 -9.15 -2.89
N GLY A 31 -10.76 -8.58 -3.06
CA GLY A 31 -9.68 -9.34 -3.78
C GLY A 31 -10.05 -9.53 -5.26
N GLY A 32 -11.29 -9.34 -5.61
CA GLY A 32 -11.70 -9.51 -7.05
C GLY A 32 -11.70 -8.14 -7.73
N GLY A 33 -11.66 -7.10 -6.96
CA GLY A 33 -11.64 -5.73 -7.52
C GLY A 33 -11.54 -4.74 -6.36
N PRO A 34 -10.52 -4.91 -5.54
CA PRO A 34 -10.30 -4.03 -4.37
C PRO A 34 -9.88 -2.63 -4.82
N ARG A 35 -9.58 -1.78 -3.89
CA ARG A 35 -9.13 -0.41 -4.23
C ARG A 35 -7.88 -0.51 -5.11
N ARG A 36 -8.04 -0.66 -6.39
CA ARG A 36 -6.84 -0.76 -7.27
C ARG A 36 -6.02 0.51 -7.12
N GLY A 37 -6.53 1.46 -6.38
CA GLY A 37 -5.80 2.73 -6.18
C GLY A 37 -4.55 2.50 -5.32
N ILE A 38 -4.52 1.46 -4.50
CA ILE A 38 -3.33 1.21 -3.64
C ILE A 38 -2.44 0.09 -4.24
N VAL A 39 -3.01 -1.06 -4.48
CA VAL A 39 -2.20 -2.20 -5.00
C VAL A 39 -1.59 -1.87 -6.36
N GLU A 40 -2.41 -1.69 -7.37
CA GLU A 40 -1.85 -1.39 -8.73
C GLU A 40 -0.92 -0.17 -8.67
N GLN A 41 -1.34 0.88 -8.03
CA GLN A 41 -0.49 2.10 -7.97
C GLN A 41 0.94 1.73 -7.57
N CYS A 42 1.10 1.09 -6.45
CA CYS A 42 2.48 0.72 -6.00
C CYS A 42 2.94 -0.60 -6.63
N CYS A 43 2.04 -1.47 -6.99
CA CYS A 43 2.46 -2.77 -7.61
C CYS A 43 2.71 -2.57 -9.10
N HIS A 44 1.76 -2.02 -9.80
CA HIS A 44 1.95 -1.79 -11.26
C HIS A 44 3.00 -0.70 -11.47
N SER A 45 3.16 0.19 -10.53
CA SER A 45 4.16 1.29 -10.68
C SER A 45 4.92 1.47 -9.36
N ILE A 46 5.93 2.30 -9.37
CA ILE A 46 6.73 2.54 -8.14
C ILE A 46 6.16 3.77 -7.41
N CYS A 47 5.38 3.56 -6.38
CA CYS A 47 4.79 4.71 -5.63
C CYS A 47 5.68 5.05 -4.44
N SER A 48 5.79 6.32 -4.11
CA SER A 48 6.64 6.71 -2.96
C SER A 48 5.88 6.48 -1.65
N LEU A 49 6.57 6.51 -0.54
CA LEU A 49 5.89 6.31 0.76
C LEU A 49 4.77 7.35 0.89
N TYR A 50 5.01 8.51 0.35
CA TYR A 50 4.02 9.60 0.40
C TYR A 50 2.64 9.05 0.06
N GLN A 51 2.53 8.45 -1.08
CA GLN A 51 1.22 7.89 -1.50
C GLN A 51 0.78 6.84 -0.49
N LEU A 52 1.69 6.02 -0.06
CA LEU A 52 1.32 5.00 0.94
C LEU A 52 0.85 5.72 2.19
N GLU A 53 1.41 6.87 2.45
CA GLU A 53 1.03 7.65 3.64
C GLU A 53 -0.39 8.19 3.40
N ASN A 54 -0.87 8.04 2.20
CA ASN A 54 -2.23 8.54 1.85
C ASN A 54 -3.29 7.59 2.43
N TYR A 55 -2.95 6.32 2.59
CA TYR A 55 -3.91 5.33 3.14
C TYR A 55 -3.58 5.04 4.61
N CYS A 56 -2.66 5.76 5.18
CA CYS A 56 -2.31 5.49 6.60
C CYS A 56 -3.36 6.13 7.52
N ASN A 57 -4.19 5.33 8.14
CA ASN A 57 -5.23 5.89 9.03
C ASN A 57 -6.01 6.98 8.30
N PHE A 1 12.47 -0.60 0.13
CA PHE A 1 11.21 0.20 0.14
C PHE A 1 11.46 1.52 -0.58
N VAL A 2 12.37 1.54 -1.52
CA VAL A 2 12.70 2.80 -2.26
C VAL A 2 12.04 2.82 -3.63
N ASN A 3 12.73 2.36 -4.65
CA ASN A 3 12.16 2.35 -6.03
C ASN A 3 11.64 0.97 -6.37
N GLN A 4 11.27 0.21 -5.38
CA GLN A 4 10.76 -1.18 -5.64
C GLN A 4 9.23 -1.15 -5.68
N HIS A 5 8.64 -2.12 -6.32
CA HIS A 5 7.15 -2.18 -6.43
C HIS A 5 6.58 -3.03 -5.29
N LEU A 6 5.52 -2.57 -4.67
CA LEU A 6 4.89 -3.33 -3.55
C LEU A 6 3.71 -4.13 -4.11
N CYS A 7 3.57 -5.36 -3.72
CA CYS A 7 2.42 -6.17 -4.21
C CYS A 7 2.06 -7.22 -3.17
N GLY A 8 0.83 -7.26 -2.76
CA GLY A 8 0.41 -8.26 -1.74
C GLY A 8 0.99 -7.89 -0.37
N SER A 9 1.32 -8.88 0.43
CA SER A 9 1.88 -8.61 1.78
C SER A 9 3.00 -7.57 1.69
N ASP A 10 3.73 -7.54 0.60
CA ASP A 10 4.82 -6.53 0.48
C ASP A 10 4.27 -5.15 0.83
N LEU A 11 3.16 -4.78 0.27
CA LEU A 11 2.57 -3.47 0.58
C LEU A 11 2.33 -3.36 2.09
N VAL A 12 1.61 -4.29 2.65
CA VAL A 12 1.33 -4.24 4.11
C VAL A 12 2.61 -3.94 4.89
N GLU A 13 3.56 -4.84 4.86
CA GLU A 13 4.84 -4.59 5.60
C GLU A 13 5.34 -3.20 5.28
N ALA A 14 5.04 -2.68 4.13
CA ALA A 14 5.51 -1.32 3.77
C ALA A 14 4.60 -0.28 4.45
N LEU A 15 3.31 -0.36 4.26
CA LEU A 15 2.43 0.65 4.93
C LEU A 15 2.78 0.68 6.42
N TYR A 16 3.13 -0.45 6.98
CA TYR A 16 3.45 -0.50 8.43
C TYR A 16 4.47 0.60 8.78
N LEU A 17 5.54 0.73 8.04
CA LEU A 17 6.52 1.81 8.36
C LEU A 17 5.89 3.15 8.06
N VAL A 18 5.36 3.28 6.87
CA VAL A 18 4.73 4.56 6.46
C VAL A 18 3.73 5.02 7.53
N CYS A 19 2.75 4.21 7.80
CA CYS A 19 1.72 4.59 8.80
C CYS A 19 2.31 4.43 10.22
N GLY A 20 3.29 3.60 10.36
CA GLY A 20 3.91 3.41 11.71
C GLY A 20 2.82 3.04 12.72
N GLU A 21 2.84 3.66 13.87
CA GLU A 21 1.83 3.34 14.91
C GLU A 21 0.48 3.95 14.55
N ARG A 22 0.47 4.82 13.58
CA ARG A 22 -0.82 5.45 13.19
C ARG A 22 -1.83 4.36 12.83
N GLY A 23 -1.35 3.22 12.40
CA GLY A 23 -2.28 2.12 12.03
C GLY A 23 -2.91 2.43 10.68
N PHE A 24 -3.34 1.43 9.95
CA PHE A 24 -3.94 1.70 8.62
C PHE A 24 -4.85 0.54 8.23
N PHE A 25 -5.57 0.70 7.15
CA PHE A 25 -6.49 -0.35 6.66
C PHE A 25 -6.04 -0.83 5.28
N TYR A 26 -6.10 -2.11 5.03
CA TYR A 26 -5.69 -2.61 3.69
C TYR A 26 -6.83 -2.35 2.72
N THR A 27 -6.62 -2.54 1.46
CA THR A 27 -7.71 -2.28 0.48
C THR A 27 -8.87 -3.26 0.72
N ASP A 28 -9.94 -3.10 0.00
CA ASP A 28 -11.13 -3.98 0.17
C ASP A 28 -10.67 -5.47 0.31
N PRO A 29 -11.41 -6.27 1.08
CA PRO A 29 -11.06 -7.71 1.28
C PRO A 29 -11.46 -8.55 0.05
N THR A 30 -12.13 -7.97 -0.90
CA THR A 30 -12.59 -8.75 -2.09
C THR A 30 -11.42 -9.51 -2.73
N GLY A 31 -10.28 -8.90 -2.84
CA GLY A 31 -9.12 -9.61 -3.45
C GLY A 31 -9.36 -9.86 -4.95
N GLY A 32 -10.59 -9.75 -5.40
CA GLY A 32 -10.87 -9.98 -6.85
C GLY A 32 -10.88 -8.64 -7.59
N GLY A 33 -11.05 -7.58 -6.86
CA GLY A 33 -11.05 -6.22 -7.48
C GLY A 33 -11.11 -5.19 -6.35
N PRO A 34 -10.17 -5.27 -5.43
CA PRO A 34 -10.11 -4.36 -4.28
C PRO A 34 -9.76 -2.94 -4.75
N ARG A 35 -9.57 -2.05 -3.82
CA ARG A 35 -9.20 -0.66 -4.18
C ARG A 35 -7.94 -0.69 -5.05
N ARG A 36 -8.11 -0.83 -6.33
CA ARG A 36 -6.93 -0.87 -7.22
C ARG A 36 -6.14 0.43 -7.06
N GLY A 37 -6.64 1.33 -6.25
CA GLY A 37 -5.93 2.62 -6.04
C GLY A 37 -4.67 2.40 -5.20
N ILE A 38 -4.63 1.37 -4.38
CA ILE A 38 -3.41 1.14 -3.53
C ILE A 38 -2.55 0.02 -4.15
N VAL A 39 -3.10 -1.15 -4.37
CA VAL A 39 -2.29 -2.28 -4.90
C VAL A 39 -1.74 -1.97 -6.30
N GLU A 40 -2.59 -1.80 -7.27
CA GLU A 40 -2.08 -1.52 -8.65
C GLU A 40 -1.16 -0.29 -8.64
N GLN A 41 -1.57 0.77 -7.99
CA GLN A 41 -0.72 1.99 -7.96
C GLN A 41 0.72 1.63 -7.61
N CYS A 42 0.92 1.00 -6.49
CA CYS A 42 2.29 0.64 -6.06
C CYS A 42 2.75 -0.69 -6.68
N CYS A 43 1.84 -1.58 -6.98
CA CYS A 43 2.27 -2.89 -7.59
C CYS A 43 2.45 -2.70 -9.10
N HIS A 44 1.45 -2.17 -9.76
CA HIS A 44 1.58 -1.98 -11.24
C HIS A 44 2.60 -0.88 -11.50
N SER A 45 2.77 0.03 -10.57
CA SER A 45 3.75 1.14 -10.77
C SER A 45 4.54 1.37 -9.48
N ILE A 46 5.70 1.94 -9.57
CA ILE A 46 6.52 2.18 -8.36
C ILE A 46 6.02 3.46 -7.67
N CYS A 47 5.21 3.33 -6.64
CA CYS A 47 4.69 4.55 -5.95
C CYS A 47 5.65 4.96 -4.83
N SER A 48 5.51 6.17 -4.34
CA SER A 48 6.42 6.64 -3.25
C SER A 48 5.71 6.44 -1.90
N LEU A 49 6.44 6.56 -0.83
CA LEU A 49 5.82 6.39 0.50
C LEU A 49 4.71 7.42 0.65
N TYR A 50 4.91 8.55 0.06
CA TYR A 50 3.91 9.63 0.12
C TYR A 50 2.51 9.07 -0.13
N GLN A 51 2.33 8.44 -1.24
CA GLN A 51 0.99 7.87 -1.56
C GLN A 51 0.63 6.83 -0.51
N LEU A 52 1.57 6.04 -0.11
CA LEU A 52 1.27 5.03 0.94
C LEU A 52 0.87 5.78 2.21
N GLU A 53 1.32 6.98 2.32
CA GLU A 53 0.97 7.82 3.51
C GLU A 53 -0.45 8.34 3.31
N ASN A 54 -0.99 8.13 2.15
CA ASN A 54 -2.37 8.61 1.84
C ASN A 54 -3.39 7.64 2.45
N TYR A 55 -3.02 6.39 2.61
CA TYR A 55 -3.97 5.39 3.18
C TYR A 55 -3.67 5.15 4.66
N CYS A 56 -2.75 5.89 5.23
CA CYS A 56 -2.45 5.71 6.67
C CYS A 56 -3.47 6.49 7.51
N ASN A 57 -4.32 5.80 8.22
CA ASN A 57 -5.33 6.52 9.05
C ASN A 57 -6.05 7.56 8.20
N PHE A 1 12.61 -0.65 0.25
CA PHE A 1 11.31 0.08 0.27
C PHE A 1 11.52 1.46 -0.38
N VAL A 2 12.39 1.53 -1.35
CA VAL A 2 12.68 2.84 -2.01
C VAL A 2 11.98 2.91 -3.39
N ASN A 3 12.66 2.51 -4.43
CA ASN A 3 12.07 2.55 -5.80
C ASN A 3 11.62 1.16 -6.21
N GLN A 4 11.29 0.33 -5.26
CA GLN A 4 10.84 -1.06 -5.59
C GLN A 4 9.31 -1.10 -5.65
N HIS A 5 8.78 -2.11 -6.28
CA HIS A 5 7.30 -2.23 -6.43
C HIS A 5 6.71 -3.07 -5.29
N LEU A 6 5.64 -2.62 -4.71
CA LEU A 6 4.99 -3.39 -3.60
C LEU A 6 3.79 -4.16 -4.17
N CYS A 7 3.66 -5.41 -3.85
CA CYS A 7 2.51 -6.21 -4.37
C CYS A 7 2.13 -7.28 -3.34
N GLY A 8 0.89 -7.30 -2.94
CA GLY A 8 0.45 -8.32 -1.95
C GLY A 8 1.03 -7.98 -0.57
N SER A 9 1.30 -8.98 0.23
CA SER A 9 1.85 -8.72 1.59
C SER A 9 2.98 -7.68 1.52
N ASP A 10 3.71 -7.64 0.45
CA ASP A 10 4.81 -6.65 0.33
C ASP A 10 4.28 -5.27 0.72
N LEU A 11 3.18 -4.88 0.14
CA LEU A 11 2.59 -3.55 0.48
C LEU A 11 2.32 -3.47 1.99
N VAL A 12 1.59 -4.42 2.52
CA VAL A 12 1.28 -4.39 3.97
C VAL A 12 2.54 -4.12 4.77
N GLU A 13 3.49 -5.01 4.75
CA GLU A 13 4.75 -4.80 5.52
C GLU A 13 5.27 -3.39 5.25
N ALA A 14 5.01 -2.87 4.09
CA ALA A 14 5.48 -1.50 3.77
C ALA A 14 4.58 -0.46 4.44
N LEU A 15 3.30 -0.51 4.22
CA LEU A 15 2.41 0.49 4.89
C LEU A 15 2.73 0.51 6.39
N TYR A 16 3.02 -0.64 6.94
CA TYR A 16 3.32 -0.70 8.40
C TYR A 16 4.35 0.38 8.78
N LEU A 17 5.44 0.49 8.07
CA LEU A 17 6.44 1.54 8.44
C LEU A 17 5.84 2.90 8.13
N VAL A 18 5.32 3.06 6.94
CA VAL A 18 4.72 4.35 6.54
C VAL A 18 3.71 4.81 7.58
N CYS A 19 2.70 4.02 7.81
CA CYS A 19 1.66 4.42 8.81
C CYS A 19 2.20 4.24 10.23
N GLY A 20 3.17 3.39 10.39
CA GLY A 20 3.75 3.18 11.74
C GLY A 20 2.63 2.90 12.76
N GLU A 21 2.61 3.65 13.83
CA GLU A 21 1.55 3.43 14.87
C GLU A 21 0.23 4.04 14.41
N ARG A 22 0.26 4.87 13.43
CA ARG A 22 -1.01 5.50 12.95
C ARG A 22 -2.02 4.40 12.62
N GLY A 23 -1.55 3.25 12.24
CA GLY A 23 -2.48 2.15 11.88
C GLY A 23 -3.08 2.45 10.49
N PHE A 24 -3.50 1.44 9.78
CA PHE A 24 -4.06 1.69 8.43
C PHE A 24 -5.00 0.55 8.03
N PHE A 25 -5.67 0.73 6.94
CA PHE A 25 -6.62 -0.31 6.44
C PHE A 25 -6.15 -0.80 5.08
N TYR A 26 -6.04 -2.09 4.90
CA TYR A 26 -5.62 -2.60 3.57
C TYR A 26 -6.75 -2.31 2.59
N THR A 27 -6.54 -2.52 1.33
CA THR A 27 -7.62 -2.22 0.36
C THR A 27 -8.82 -3.13 0.64
N ASP A 28 -9.91 -2.93 -0.04
CA ASP A 28 -11.13 -3.75 0.20
C ASP A 28 -10.74 -5.26 0.33
N PRO A 29 -11.46 -6.01 1.15
CA PRO A 29 -11.18 -7.47 1.33
C PRO A 29 -11.76 -8.26 0.14
N THR A 30 -12.47 -7.61 -0.75
CA THR A 30 -13.10 -8.33 -1.89
C THR A 30 -12.05 -9.14 -2.66
N GLY A 31 -10.89 -8.60 -2.87
CA GLY A 31 -9.84 -9.36 -3.61
C GLY A 31 -10.25 -9.55 -5.08
N GLY A 32 -11.51 -9.35 -5.40
CA GLY A 32 -11.96 -9.51 -6.82
C GLY A 32 -11.94 -8.16 -7.52
N GLY A 33 -11.88 -7.11 -6.75
CA GLY A 33 -11.85 -5.74 -7.32
C GLY A 33 -11.70 -4.74 -6.17
N PRO A 34 -10.66 -4.93 -5.37
CA PRO A 34 -10.42 -4.06 -4.22
C PRO A 34 -10.00 -2.66 -4.68
N ARG A 35 -9.65 -1.81 -3.76
CA ARG A 35 -9.20 -0.44 -4.14
C ARG A 35 -7.97 -0.57 -5.03
N ARG A 36 -8.16 -0.73 -6.31
CA ARG A 36 -6.99 -0.87 -7.22
C ARG A 36 -6.16 0.42 -7.15
N GLY A 37 -6.54 1.34 -6.30
CA GLY A 37 -5.77 2.61 -6.20
C GLY A 37 -4.53 2.40 -5.33
N ILE A 38 -4.49 1.39 -4.50
CA ILE A 38 -3.30 1.16 -3.62
C ILE A 38 -2.42 0.03 -4.22
N VAL A 39 -3.00 -1.12 -4.43
CA VAL A 39 -2.19 -2.27 -4.95
C VAL A 39 -1.61 -1.95 -6.33
N GLU A 40 -2.45 -1.76 -7.32
CA GLU A 40 -1.91 -1.48 -8.69
C GLU A 40 -0.97 -0.27 -8.66
N GLN A 41 -1.38 0.81 -8.04
CA GLN A 41 -0.50 2.01 -7.99
C GLN A 41 0.93 1.62 -7.60
N CYS A 42 1.10 0.98 -6.48
CA CYS A 42 2.47 0.61 -6.03
C CYS A 42 2.93 -0.72 -6.66
N CYS A 43 2.01 -1.59 -7.02
CA CYS A 43 2.42 -2.89 -7.63
C CYS A 43 2.65 -2.70 -9.13
N HIS A 44 1.70 -2.14 -9.82
CA HIS A 44 1.87 -1.93 -11.28
C HIS A 44 2.93 -0.86 -11.50
N SER A 45 3.10 0.04 -10.57
CA SER A 45 4.12 1.13 -10.72
C SER A 45 4.88 1.32 -9.41
N ILE A 46 5.90 2.14 -9.43
CA ILE A 46 6.69 2.39 -8.20
C ILE A 46 6.13 3.62 -7.47
N CYS A 47 5.34 3.41 -6.45
CA CYS A 47 4.77 4.57 -5.70
C CYS A 47 5.69 4.92 -4.52
N SER A 48 5.83 6.18 -4.22
CA SER A 48 6.70 6.59 -3.09
C SER A 48 5.95 6.38 -1.77
N LEU A 49 6.65 6.42 -0.67
CA LEU A 49 5.98 6.25 0.64
C LEU A 49 4.88 7.30 0.77
N TYR A 50 5.12 8.44 0.21
CA TYR A 50 4.14 9.54 0.23
C TYR A 50 2.75 9.00 -0.07
N GLN A 51 2.62 8.38 -1.20
CA GLN A 51 1.29 7.82 -1.60
C GLN A 51 0.86 6.80 -0.55
N LEU A 52 1.77 5.98 -0.11
CA LEU A 52 1.40 4.98 0.92
C LEU A 52 0.97 5.72 2.17
N GLU A 53 1.51 6.89 2.35
CA GLU A 53 1.15 7.72 3.53
C GLU A 53 -0.26 8.27 3.30
N ASN A 54 -0.77 8.09 2.12
CA ASN A 54 -2.12 8.59 1.78
C ASN A 54 -3.19 7.65 2.36
N TYR A 55 -2.86 6.40 2.54
CA TYR A 55 -3.85 5.42 3.09
C TYR A 55 -3.58 5.17 4.57
N CYS A 56 -2.66 5.89 5.16
CA CYS A 56 -2.38 5.68 6.61
C CYS A 56 -3.39 6.49 7.44
N ASN A 57 -4.26 5.82 8.14
CA ASN A 57 -5.26 6.54 8.96
C ASN A 57 -5.94 7.62 8.12
N PHE A 1 12.40 -0.76 -0.04
CA PHE A 1 11.17 0.07 0.00
C PHE A 1 11.44 1.40 -0.73
N VAL A 2 12.33 1.39 -1.67
CA VAL A 2 12.69 2.65 -2.40
C VAL A 2 12.00 2.68 -3.78
N ASN A 3 12.66 2.20 -4.80
CA ASN A 3 12.08 2.22 -6.18
C ASN A 3 11.55 0.83 -6.54
N GLN A 4 11.19 0.05 -5.56
CA GLN A 4 10.68 -1.32 -5.83
C GLN A 4 9.15 -1.30 -5.83
N HIS A 5 8.54 -2.29 -6.44
CA HIS A 5 7.06 -2.34 -6.52
C HIS A 5 6.48 -3.15 -5.35
N LEU A 6 5.43 -2.65 -4.76
CA LEU A 6 4.80 -3.38 -3.62
C LEU A 6 3.60 -4.18 -4.15
N CYS A 7 3.55 -5.45 -3.88
CA CYS A 7 2.41 -6.28 -4.36
C CYS A 7 2.04 -7.32 -3.29
N GLY A 8 0.81 -7.35 -2.89
CA GLY A 8 0.37 -8.32 -1.85
C GLY A 8 0.96 -7.95 -0.48
N SER A 9 1.21 -8.92 0.35
CA SER A 9 1.77 -8.63 1.71
C SER A 9 2.89 -7.60 1.62
N ASP A 10 3.61 -7.58 0.52
CA ASP A 10 4.72 -6.59 0.39
C ASP A 10 4.19 -5.20 0.77
N LEU A 11 3.09 -4.82 0.20
CA LEU A 11 2.50 -3.49 0.53
C LEU A 11 2.29 -3.39 2.04
N VAL A 12 1.59 -4.33 2.61
CA VAL A 12 1.34 -4.30 4.08
C VAL A 12 2.64 -4.00 4.82
N GLU A 13 3.58 -4.91 4.77
CA GLU A 13 4.87 -4.67 5.49
C GLU A 13 5.38 -3.27 5.18
N ALA A 14 5.02 -2.74 4.04
CA ALA A 14 5.48 -1.37 3.68
C ALA A 14 4.59 -0.34 4.38
N LEU A 15 3.30 -0.40 4.21
CA LEU A 15 2.44 0.60 4.91
C LEU A 15 2.80 0.60 6.39
N TYR A 16 3.16 -0.54 6.93
CA TYR A 16 3.51 -0.60 8.38
C TYR A 16 4.54 0.49 8.72
N LEU A 17 5.60 0.62 7.97
CA LEU A 17 6.60 1.69 8.29
C LEU A 17 5.95 3.05 8.01
N VAL A 18 5.40 3.20 6.83
CA VAL A 18 4.76 4.49 6.46
C VAL A 18 3.80 4.93 7.56
N CYS A 19 2.83 4.11 7.86
CA CYS A 19 1.84 4.47 8.89
C CYS A 19 2.44 4.29 10.29
N GLY A 20 3.44 3.45 10.39
CA GLY A 20 4.07 3.23 11.72
C GLY A 20 3.01 3.01 12.80
N GLU A 21 2.99 3.83 13.80
CA GLU A 21 2.00 3.67 14.90
C GLU A 21 0.65 4.26 14.46
N ARG A 22 0.63 5.02 13.41
CA ARG A 22 -0.65 5.62 12.96
C ARG A 22 -1.67 4.51 12.70
N GLY A 23 -1.21 3.35 12.32
CA GLY A 23 -2.16 2.23 12.03
C GLY A 23 -2.80 2.49 10.68
N PHE A 24 -3.24 1.46 9.99
CA PHE A 24 -3.86 1.68 8.66
C PHE A 24 -4.78 0.52 8.31
N PHE A 25 -5.49 0.66 7.22
CA PHE A 25 -6.44 -0.40 6.76
C PHE A 25 -6.00 -0.88 5.38
N TYR A 26 -6.07 -2.17 5.13
CA TYR A 26 -5.68 -2.67 3.79
C TYR A 26 -6.86 -2.45 2.84
N THR A 27 -6.65 -2.63 1.56
CA THR A 27 -7.75 -2.41 0.60
C THR A 27 -8.88 -3.44 0.83
N ASP A 28 -9.95 -3.31 0.10
CA ASP A 28 -11.11 -4.25 0.28
C ASP A 28 -10.59 -5.71 0.35
N PRO A 29 -11.29 -6.57 1.08
CA PRO A 29 -10.90 -7.99 1.22
C PRO A 29 -11.30 -8.79 -0.04
N THR A 30 -12.01 -8.17 -0.94
CA THR A 30 -12.49 -8.91 -2.15
C THR A 30 -11.32 -9.60 -2.88
N GLY A 31 -10.20 -8.96 -2.99
CA GLY A 31 -9.04 -9.61 -3.68
C GLY A 31 -9.35 -9.79 -5.18
N GLY A 32 -10.59 -9.68 -5.57
CA GLY A 32 -10.95 -9.83 -7.02
C GLY A 32 -11.03 -8.45 -7.67
N GLY A 33 -11.20 -7.45 -6.87
CA GLY A 33 -11.27 -6.06 -7.40
C GLY A 33 -11.29 -5.08 -6.22
N PRO A 34 -10.30 -5.20 -5.35
CA PRO A 34 -10.21 -4.33 -4.17
C PRO A 34 -9.88 -2.90 -4.59
N ARG A 35 -9.66 -2.04 -3.63
CA ARG A 35 -9.30 -0.63 -3.96
C ARG A 35 -8.06 -0.65 -4.86
N ARG A 36 -8.25 -0.76 -6.15
CA ARG A 36 -7.07 -0.79 -7.05
C ARG A 36 -6.30 0.52 -6.89
N GLY A 37 -6.79 1.40 -6.06
CA GLY A 37 -6.10 2.70 -5.86
C GLY A 37 -4.81 2.48 -5.04
N ILE A 38 -4.76 1.44 -4.24
CA ILE A 38 -3.52 1.18 -3.41
C ILE A 38 -2.67 0.07 -4.05
N VAL A 39 -3.24 -1.09 -4.26
CA VAL A 39 -2.44 -2.23 -4.81
C VAL A 39 -1.89 -1.90 -6.21
N GLU A 40 -2.74 -1.74 -7.18
CA GLU A 40 -2.24 -1.45 -8.55
C GLU A 40 -1.33 -0.22 -8.54
N GLN A 41 -1.74 0.84 -7.90
CA GLN A 41 -0.90 2.06 -7.87
C GLN A 41 0.54 1.70 -7.51
N CYS A 42 0.76 1.08 -6.39
CA CYS A 42 2.14 0.72 -5.97
C CYS A 42 2.58 -0.60 -6.60
N CYS A 43 1.66 -1.47 -6.92
CA CYS A 43 2.05 -2.79 -7.53
C CYS A 43 2.24 -2.61 -9.03
N HIS A 44 1.27 -2.06 -9.70
CA HIS A 44 1.40 -1.85 -11.17
C HIS A 44 2.43 -0.75 -11.44
N SER A 45 2.59 0.16 -10.50
CA SER A 45 3.57 1.27 -10.69
C SER A 45 4.36 1.48 -9.39
N ILE A 46 5.52 2.07 -9.48
CA ILE A 46 6.34 2.30 -8.26
C ILE A 46 5.84 3.58 -7.55
N CYS A 47 5.05 3.43 -6.52
CA CYS A 47 4.54 4.63 -5.80
C CYS A 47 5.50 4.99 -4.67
N SER A 48 5.56 6.24 -4.31
CA SER A 48 6.47 6.66 -3.20
C SER A 48 5.76 6.45 -1.87
N LEU A 49 6.48 6.51 -0.78
CA LEU A 49 5.85 6.33 0.54
C LEU A 49 4.74 7.37 0.69
N TYR A 50 4.97 8.52 0.13
CA TYR A 50 3.97 9.61 0.19
C TYR A 50 2.57 9.06 -0.10
N GLN A 51 2.42 8.45 -1.23
CA GLN A 51 1.09 7.89 -1.59
C GLN A 51 0.70 6.85 -0.54
N LEU A 52 1.61 6.04 -0.13
CA LEU A 52 1.27 5.03 0.90
C LEU A 52 0.86 5.77 2.16
N GLU A 53 1.44 6.92 2.37
CA GLU A 53 1.10 7.73 3.56
C GLU A 53 -0.33 8.26 3.37
N ASN A 54 -0.86 8.09 2.19
CA ASN A 54 -2.23 8.57 1.90
C ASN A 54 -3.26 7.63 2.54
N TYR A 55 -2.91 6.38 2.71
CA TYR A 55 -3.86 5.40 3.32
C TYR A 55 -3.48 5.16 4.79
N CYS A 56 -2.53 5.88 5.31
CA CYS A 56 -2.13 5.67 6.73
C CYS A 56 -3.13 6.39 7.65
N ASN A 57 -3.95 5.66 8.34
CA ASN A 57 -4.95 6.30 9.25
C ASN A 57 -5.69 7.39 8.48
N PHE A 1 12.49 -0.46 0.32
CA PHE A 1 11.21 0.32 0.29
C PHE A 1 11.46 1.64 -0.45
N VAL A 2 12.35 1.63 -1.41
CA VAL A 2 12.67 2.89 -2.16
C VAL A 2 12.01 2.87 -3.55
N ASN A 3 12.72 2.38 -4.54
CA ASN A 3 12.17 2.35 -5.94
C ASN A 3 11.70 0.95 -6.27
N GLN A 4 11.34 0.18 -5.28
CA GLN A 4 10.88 -1.22 -5.53
C GLN A 4 9.34 -1.26 -5.60
N HIS A 5 8.80 -2.29 -6.19
CA HIS A 5 7.32 -2.41 -6.33
C HIS A 5 6.74 -3.20 -5.15
N LEU A 6 5.70 -2.70 -4.56
CA LEU A 6 5.05 -3.41 -3.42
C LEU A 6 3.88 -4.24 -3.96
N CYS A 7 3.77 -5.48 -3.58
CA CYS A 7 2.63 -6.31 -4.07
C CYS A 7 2.26 -7.34 -3.00
N GLY A 8 1.02 -7.37 -2.61
CA GLY A 8 0.59 -8.34 -1.58
C GLY A 8 1.13 -7.94 -0.20
N SER A 9 1.44 -8.90 0.63
CA SER A 9 1.97 -8.59 1.99
C SER A 9 3.07 -7.53 1.89
N ASP A 10 3.82 -7.51 0.82
CA ASP A 10 4.90 -6.49 0.67
C ASP A 10 4.32 -5.11 0.99
N LEU A 11 3.23 -4.77 0.37
CA LEU A 11 2.61 -3.44 0.63
C LEU A 11 2.33 -3.30 2.13
N VAL A 12 1.67 -4.26 2.72
CA VAL A 12 1.35 -4.18 4.17
C VAL A 12 2.62 -3.82 4.96
N GLU A 13 3.58 -4.71 4.98
CA GLU A 13 4.82 -4.43 5.74
C GLU A 13 5.33 -3.03 5.39
N ALA A 14 4.99 -2.54 4.23
CA ALA A 14 5.45 -1.18 3.84
C ALA A 14 4.52 -0.14 4.48
N LEU A 15 3.23 -0.24 4.27
CA LEU A 15 2.32 0.77 4.90
C LEU A 15 2.63 0.82 6.40
N TYR A 16 3.00 -0.28 6.98
CA TYR A 16 3.31 -0.30 8.44
C TYR A 16 4.29 0.83 8.78
N LEU A 17 5.40 0.95 8.07
CA LEU A 17 6.35 2.05 8.39
C LEU A 17 5.70 3.38 8.04
N VAL A 18 5.17 3.48 6.86
CA VAL A 18 4.52 4.74 6.42
C VAL A 18 3.50 5.19 7.48
N CYS A 19 2.54 4.36 7.75
CA CYS A 19 1.50 4.72 8.75
C CYS A 19 2.08 4.60 10.17
N GLY A 20 3.09 3.81 10.33
CA GLY A 20 3.70 3.65 11.67
C GLY A 20 2.63 3.25 12.69
N GLU A 21 2.58 3.93 13.81
CA GLU A 21 1.57 3.59 14.85
C GLU A 21 0.20 4.12 14.45
N ARG A 22 0.16 5.00 13.49
CA ARG A 22 -1.15 5.56 13.08
C ARG A 22 -2.10 4.42 12.71
N GLY A 23 -1.57 3.31 12.28
CA GLY A 23 -2.44 2.17 11.90
C GLY A 23 -3.08 2.48 10.55
N PHE A 24 -3.49 1.48 9.82
CA PHE A 24 -4.09 1.72 8.49
C PHE A 24 -4.99 0.57 8.09
N PHE A 25 -5.70 0.72 7.01
CA PHE A 25 -6.61 -0.35 6.51
C PHE A 25 -6.11 -0.84 5.15
N TYR A 26 -6.04 -2.13 4.97
CA TYR A 26 -5.59 -2.64 3.66
C TYR A 26 -6.73 -2.43 2.67
N THR A 27 -6.52 -2.65 1.41
CA THR A 27 -7.62 -2.42 0.44
C THR A 27 -8.77 -3.39 0.75
N ASP A 28 -9.88 -3.24 0.07
CA ASP A 28 -11.06 -4.12 0.35
C ASP A 28 -10.60 -5.60 0.50
N PRO A 29 -11.29 -6.38 1.33
CA PRO A 29 -10.93 -7.81 1.53
C PRO A 29 -11.44 -8.66 0.36
N THR A 30 -12.18 -8.08 -0.55
CA THR A 30 -12.74 -8.89 -1.68
C THR A 30 -11.64 -9.65 -2.42
N GLY A 31 -10.52 -9.04 -2.64
CA GLY A 31 -9.42 -9.75 -3.36
C GLY A 31 -9.81 -10.00 -4.82
N GLY A 32 -11.07 -9.87 -5.14
CA GLY A 32 -11.51 -10.09 -6.57
C GLY A 32 -11.61 -8.75 -7.27
N GLY A 33 -11.63 -7.69 -6.51
CA GLY A 33 -11.70 -6.32 -7.10
C GLY A 33 -11.60 -5.31 -5.96
N PRO A 34 -10.55 -5.41 -5.18
CA PRO A 34 -10.35 -4.50 -4.04
C PRO A 34 -9.98 -3.10 -4.55
N ARG A 35 -9.68 -2.20 -3.65
CA ARG A 35 -9.28 -0.84 -4.08
C ARG A 35 -8.08 -0.97 -5.01
N ARG A 36 -8.32 -1.16 -6.27
CA ARG A 36 -7.19 -1.31 -7.23
C ARG A 36 -6.38 -0.01 -7.24
N GLY A 37 -6.69 0.91 -6.38
CA GLY A 37 -5.94 2.20 -6.35
C GLY A 37 -4.67 2.07 -5.50
N ILE A 38 -4.61 1.11 -4.59
CA ILE A 38 -3.39 0.99 -3.71
C ILE A 38 -2.47 -0.14 -4.24
N VAL A 39 -2.99 -1.32 -4.42
CA VAL A 39 -2.14 -2.46 -4.86
C VAL A 39 -1.52 -2.19 -6.24
N GLU A 40 -2.32 -2.06 -7.25
CA GLU A 40 -1.76 -1.84 -8.62
C GLU A 40 -0.90 -0.58 -8.66
N GLN A 41 -1.29 0.46 -7.99
CA GLN A 41 -0.49 1.71 -8.02
C GLN A 41 0.95 1.41 -7.60
N CYS A 42 1.11 0.80 -6.45
CA CYS A 42 2.48 0.48 -5.98
C CYS A 42 2.96 -0.86 -6.56
N CYS A 43 2.06 -1.76 -6.90
CA CYS A 43 2.50 -3.07 -7.46
C CYS A 43 2.74 -2.93 -8.97
N HIS A 44 1.76 -2.41 -9.68
CA HIS A 44 1.94 -2.25 -11.15
C HIS A 44 2.93 -1.12 -11.41
N SER A 45 3.05 -0.18 -10.49
CA SER A 45 4.00 0.95 -10.69
C SER A 45 4.75 1.23 -9.37
N ILE A 46 5.87 1.89 -9.46
CA ILE A 46 6.66 2.19 -8.23
C ILE A 46 6.10 3.45 -7.56
N CYS A 47 5.31 3.29 -6.54
CA CYS A 47 4.72 4.49 -5.84
C CYS A 47 5.63 4.89 -4.68
N SER A 48 5.69 6.17 -4.38
CA SER A 48 6.54 6.64 -3.26
C SER A 48 5.77 6.46 -1.95
N LEU A 49 6.44 6.59 -0.84
CA LEU A 49 5.75 6.44 0.48
C LEU A 49 4.63 7.47 0.55
N TYR A 50 4.85 8.61 -0.03
CA TYR A 50 3.84 9.69 -0.04
C TYR A 50 2.46 9.11 -0.33
N GLN A 51 2.35 8.45 -1.45
CA GLN A 51 1.03 7.87 -1.83
C GLN A 51 0.63 6.84 -0.78
N LEU A 52 1.56 6.06 -0.33
CA LEU A 52 1.21 5.06 0.71
C LEU A 52 0.74 5.81 1.95
N GLU A 53 1.28 6.98 2.15
CA GLU A 53 0.87 7.80 3.32
C GLU A 53 -0.55 8.30 3.07
N ASN A 54 -1.03 8.11 1.88
CA ASN A 54 -2.41 8.56 1.54
C ASN A 54 -3.43 7.60 2.15
N TYR A 55 -3.06 6.37 2.34
CA TYR A 55 -4.01 5.37 2.94
C TYR A 55 -3.67 5.15 4.42
N CYS A 56 -2.77 5.91 4.96
CA CYS A 56 -2.41 5.73 6.40
C CYS A 56 -3.47 6.41 7.27
N ASN A 57 -4.32 5.65 7.90
CA ASN A 57 -5.37 6.27 8.77
C ASN A 57 -6.04 7.43 8.03
N PHE A 1 12.55 -0.97 0.37
CA PHE A 1 11.26 -0.23 0.38
C PHE A 1 11.48 1.16 -0.23
N VAL A 2 12.35 1.24 -1.20
CA VAL A 2 12.65 2.57 -1.84
C VAL A 2 11.94 2.66 -3.20
N ASN A 3 12.62 2.28 -4.26
CA ASN A 3 12.03 2.34 -5.62
C ASN A 3 11.56 0.96 -6.07
N GLN A 4 11.22 0.12 -5.14
CA GLN A 4 10.76 -1.24 -5.50
C GLN A 4 9.23 -1.26 -5.57
N HIS A 5 8.68 -2.21 -6.28
CA HIS A 5 7.20 -2.29 -6.43
C HIS A 5 6.59 -3.16 -5.33
N LEU A 6 5.56 -2.68 -4.70
CA LEU A 6 4.89 -3.46 -3.61
C LEU A 6 3.70 -4.22 -4.24
N CYS A 7 3.60 -5.48 -3.97
CA CYS A 7 2.46 -6.28 -4.54
C CYS A 7 2.01 -7.32 -3.52
N GLY A 8 0.74 -7.31 -3.18
CA GLY A 8 0.23 -8.31 -2.20
C GLY A 8 0.75 -7.98 -0.79
N SER A 9 0.92 -8.97 0.03
CA SER A 9 1.40 -8.74 1.43
C SER A 9 2.58 -7.76 1.42
N ASP A 10 3.35 -7.72 0.37
CA ASP A 10 4.50 -6.78 0.32
C ASP A 10 4.00 -5.38 0.72
N LEU A 11 2.94 -4.93 0.10
CA LEU A 11 2.39 -3.59 0.44
C LEU A 11 2.11 -3.53 1.94
N VAL A 12 1.32 -4.44 2.45
CA VAL A 12 1.00 -4.44 3.90
C VAL A 12 2.28 -4.23 4.73
N GLU A 13 3.18 -5.17 4.68
CA GLU A 13 4.44 -5.01 5.48
C GLU A 13 5.02 -3.63 5.23
N ALA A 14 4.79 -3.07 4.07
CA ALA A 14 5.34 -1.71 3.78
C ALA A 14 4.46 -0.66 4.48
N LEU A 15 3.17 -0.66 4.24
CA LEU A 15 2.32 0.36 4.92
C LEU A 15 2.61 0.33 6.42
N TYR A 16 2.87 -0.85 6.96
CA TYR A 16 3.15 -0.95 8.41
C TYR A 16 4.21 0.07 8.83
N LEU A 17 5.32 0.17 8.13
CA LEU A 17 6.34 1.18 8.53
C LEU A 17 5.79 2.57 8.26
N VAL A 18 5.30 2.77 7.06
CA VAL A 18 4.75 4.10 6.68
C VAL A 18 3.75 4.58 7.72
N CYS A 19 2.72 3.81 7.94
CA CYS A 19 1.68 4.22 8.92
C CYS A 19 2.19 3.99 10.35
N GLY A 20 3.12 3.09 10.50
CA GLY A 20 3.67 2.82 11.86
C GLY A 20 2.53 2.58 12.85
N GLU A 21 2.54 3.31 13.93
CA GLU A 21 1.46 3.12 14.96
C GLU A 21 0.17 3.78 14.51
N ARG A 22 0.23 4.62 13.51
CA ARG A 22 -1.02 5.30 13.04
C ARG A 22 -2.06 4.24 12.67
N GLY A 23 -1.62 3.07 12.28
CA GLY A 23 -2.58 2.01 11.89
C GLY A 23 -3.15 2.35 10.51
N PHE A 24 -3.59 1.38 9.77
CA PHE A 24 -4.14 1.66 8.42
C PHE A 24 -5.09 0.57 7.97
N PHE A 25 -5.74 0.79 6.87
CA PHE A 25 -6.70 -0.21 6.33
C PHE A 25 -6.22 -0.68 4.96
N TYR A 26 -6.33 -1.94 4.67
CA TYR A 26 -5.88 -2.43 3.34
C TYR A 26 -6.98 -2.06 2.33
N THR A 27 -6.74 -2.23 1.07
CA THR A 27 -7.78 -1.87 0.07
C THR A 27 -9.00 -2.77 0.26
N ASP A 28 -10.05 -2.52 -0.49
CA ASP A 28 -11.30 -3.33 -0.35
C ASP A 28 -10.95 -4.84 -0.20
N PRO A 29 -11.76 -5.59 0.54
CA PRO A 29 -11.53 -7.04 0.74
C PRO A 29 -11.97 -7.82 -0.51
N THR A 30 -12.59 -7.17 -1.46
CA THR A 30 -13.08 -7.90 -2.66
C THR A 30 -11.96 -8.71 -3.32
N GLY A 31 -10.79 -8.17 -3.42
CA GLY A 31 -9.67 -8.94 -4.04
C GLY A 31 -9.93 -9.15 -5.54
N GLY A 32 -11.15 -8.93 -5.99
CA GLY A 32 -11.46 -9.11 -7.45
C GLY A 32 -11.37 -7.77 -8.14
N GLY A 33 -11.44 -6.71 -7.39
CA GLY A 33 -11.33 -5.35 -7.97
C GLY A 33 -11.31 -4.33 -6.83
N PRO A 34 -10.38 -4.51 -5.91
CA PRO A 34 -10.25 -3.61 -4.74
C PRO A 34 -9.78 -2.22 -5.18
N ARG A 35 -9.53 -1.36 -4.24
CA ARG A 35 -9.05 0.00 -4.56
C ARG A 35 -7.76 -0.10 -5.38
N ARG A 36 -7.87 -0.20 -6.68
CA ARG A 36 -6.64 -0.30 -7.51
C ARG A 36 -5.79 0.95 -7.26
N GLY A 37 -6.32 1.86 -6.52
CA GLY A 37 -5.56 3.11 -6.23
C GLY A 37 -4.35 2.82 -5.35
N ILE A 38 -4.38 1.76 -4.56
CA ILE A 38 -3.20 1.43 -3.68
C ILE A 38 -2.37 0.30 -4.29
N VAL A 39 -2.98 -0.83 -4.57
CA VAL A 39 -2.18 -1.98 -5.11
C VAL A 39 -1.55 -1.66 -6.46
N GLU A 40 -2.33 -1.42 -7.48
CA GLU A 40 -1.74 -1.13 -8.81
C GLU A 40 -0.78 0.07 -8.72
N GLN A 41 -1.18 1.12 -8.06
CA GLN A 41 -0.30 2.31 -7.94
C GLN A 41 1.11 1.87 -7.54
N CYS A 42 1.24 1.20 -6.43
CA CYS A 42 2.60 0.78 -5.96
C CYS A 42 3.01 -0.55 -6.61
N CYS A 43 2.06 -1.37 -6.99
CA CYS A 43 2.42 -2.67 -7.62
C CYS A 43 2.67 -2.46 -9.11
N HIS A 44 1.75 -1.83 -9.79
CA HIS A 44 1.93 -1.60 -11.25
C HIS A 44 2.98 -0.50 -11.46
N SER A 45 3.15 0.38 -10.50
CA SER A 45 4.16 1.48 -10.64
C SER A 45 4.94 1.65 -9.33
N ILE A 46 6.11 2.21 -9.41
CA ILE A 46 6.94 2.41 -8.18
C ILE A 46 6.42 3.65 -7.43
N CYS A 47 5.63 3.47 -6.40
CA CYS A 47 5.11 4.64 -5.64
C CYS A 47 6.03 4.94 -4.47
N SER A 48 6.04 6.17 -4.01
CA SER A 48 6.90 6.54 -2.86
C SER A 48 6.14 6.30 -1.56
N LEU A 49 6.82 6.31 -0.46
CA LEU A 49 6.14 6.09 0.85
C LEU A 49 5.07 7.17 1.00
N TYR A 50 5.35 8.32 0.47
CA TYR A 50 4.41 9.45 0.55
C TYR A 50 2.99 8.98 0.23
N GLN A 51 2.83 8.40 -0.91
CA GLN A 51 1.47 7.92 -1.30
C GLN A 51 1.03 6.86 -0.30
N LEU A 52 1.91 5.99 0.07
CA LEU A 52 1.52 4.95 1.06
C LEU A 52 1.11 5.66 2.34
N GLU A 53 1.62 6.85 2.52
CA GLU A 53 1.28 7.64 3.73
C GLU A 53 -0.11 8.25 3.51
N ASN A 54 -0.62 8.13 2.32
CA ASN A 54 -1.96 8.69 2.01
C ASN A 54 -3.05 7.75 2.54
N TYR A 55 -2.76 6.48 2.65
CA TYR A 55 -3.79 5.50 3.15
C TYR A 55 -3.58 5.22 4.63
N CYS A 56 -2.64 5.89 5.26
CA CYS A 56 -2.40 5.63 6.71
C CYS A 56 -3.44 6.40 7.54
N ASN A 57 -4.34 5.71 8.18
CA ASN A 57 -5.37 6.39 9.00
C ASN A 57 -5.99 7.53 8.20
N PHE A 1 12.61 -0.04 0.43
CA PHE A 1 11.29 0.64 0.41
C PHE A 1 11.45 2.00 -0.27
N VAL A 2 12.34 2.10 -1.21
CA VAL A 2 12.58 3.40 -1.92
C VAL A 2 11.85 3.41 -3.26
N ASN A 3 12.52 3.00 -4.30
CA ASN A 3 11.93 2.98 -5.67
C ASN A 3 11.57 1.54 -6.05
N GLN A 4 11.28 0.72 -5.09
CA GLN A 4 10.92 -0.70 -5.38
C GLN A 4 9.40 -0.83 -5.47
N HIS A 5 8.94 -1.85 -6.15
CA HIS A 5 7.48 -2.04 -6.32
C HIS A 5 6.90 -2.88 -5.17
N LEU A 6 5.83 -2.43 -4.59
CA LEU A 6 5.19 -3.18 -3.47
C LEU A 6 4.04 -4.02 -4.03
N CYS A 7 3.96 -5.26 -3.69
CA CYS A 7 2.85 -6.12 -4.20
C CYS A 7 2.51 -7.19 -3.15
N GLY A 8 1.27 -7.26 -2.75
CA GLY A 8 0.87 -8.27 -1.74
C GLY A 8 1.42 -7.88 -0.36
N SER A 9 1.76 -8.85 0.44
CA SER A 9 2.30 -8.56 1.81
C SER A 9 3.37 -7.47 1.72
N ASP A 10 4.11 -7.41 0.66
CA ASP A 10 5.16 -6.36 0.53
C ASP A 10 4.54 -5.00 0.88
N LEU A 11 3.42 -4.68 0.28
CA LEU A 11 2.77 -3.38 0.57
C LEU A 11 2.48 -3.28 2.08
N VAL A 12 1.77 -4.24 2.61
CA VAL A 12 1.44 -4.20 4.08
C VAL A 12 2.70 -3.85 4.88
N GLU A 13 3.67 -4.72 4.89
CA GLU A 13 4.92 -4.43 5.67
C GLU A 13 5.39 -3.02 5.37
N ALA A 14 5.06 -2.51 4.21
CA ALA A 14 5.49 -1.13 3.86
C ALA A 14 4.53 -0.13 4.50
N LEU A 15 3.25 -0.24 4.27
CA LEU A 15 2.31 0.73 4.91
C LEU A 15 2.61 0.77 6.42
N TYR A 16 2.97 -0.36 6.98
CA TYR A 16 3.27 -0.39 8.44
C TYR A 16 4.23 0.74 8.83
N LEU A 17 5.32 0.90 8.13
CA LEU A 17 6.24 2.02 8.49
C LEU A 17 5.57 3.34 8.16
N VAL A 18 5.07 3.46 6.97
CA VAL A 18 4.40 4.72 6.55
C VAL A 18 3.36 5.12 7.60
N CYS A 19 2.40 4.27 7.85
CA CYS A 19 1.34 4.59 8.83
C CYS A 19 1.88 4.43 10.25
N GLY A 20 2.91 3.65 10.41
CA GLY A 20 3.50 3.46 11.77
C GLY A 20 2.41 3.07 12.77
N GLU A 21 2.31 3.79 13.86
CA GLU A 21 1.28 3.46 14.87
C GLU A 21 -0.09 3.98 14.43
N ARG A 22 -0.13 4.84 13.45
CA ARG A 22 -1.43 5.37 13.00
C ARG A 22 -2.34 4.20 12.63
N GLY A 23 -1.78 3.10 12.21
CA GLY A 23 -2.61 1.94 11.82
C GLY A 23 -3.23 2.24 10.45
N PHE A 24 -3.60 1.23 9.71
CA PHE A 24 -4.19 1.48 8.38
C PHE A 24 -5.04 0.29 7.95
N PHE A 25 -5.75 0.44 6.86
CA PHE A 25 -6.61 -0.65 6.34
C PHE A 25 -6.09 -1.10 4.98
N TYR A 26 -6.06 -2.38 4.74
CA TYR A 26 -5.58 -2.86 3.42
C TYR A 26 -6.70 -2.62 2.41
N THR A 27 -6.45 -2.82 1.14
CA THR A 27 -7.52 -2.56 0.16
C THR A 27 -8.69 -3.51 0.40
N ASP A 28 -9.76 -3.34 -0.33
CA ASP A 28 -10.97 -4.20 -0.11
C ASP A 28 -10.55 -5.69 0.02
N PRO A 29 -11.28 -6.46 0.83
CA PRO A 29 -10.97 -7.90 1.03
C PRO A 29 -11.45 -8.72 -0.18
N THR A 30 -12.15 -8.11 -1.10
CA THR A 30 -12.69 -8.87 -2.26
C THR A 30 -11.58 -9.64 -2.97
N GLY A 31 -10.43 -9.05 -3.15
CA GLY A 31 -9.32 -9.78 -3.83
C GLY A 31 -9.66 -10.01 -5.30
N GLY A 32 -10.92 -9.87 -5.68
CA GLY A 32 -11.30 -10.08 -7.11
C GLY A 32 -11.35 -8.73 -7.82
N GLY A 33 -11.33 -7.68 -7.06
CA GLY A 33 -11.36 -6.32 -7.64
C GLY A 33 -11.28 -5.31 -6.48
N PRO A 34 -10.25 -5.43 -5.67
CA PRO A 34 -10.08 -4.54 -4.51
C PRO A 34 -9.71 -3.13 -4.99
N ARG A 35 -9.42 -2.26 -4.07
CA ARG A 35 -9.02 -0.88 -4.45
C ARG A 35 -7.71 -0.94 -5.24
N ARG A 36 -7.78 -1.11 -6.54
CA ARG A 36 -6.53 -1.19 -7.33
C ARG A 36 -5.76 0.11 -7.11
N GLY A 37 -6.41 1.08 -6.55
CA GLY A 37 -5.75 2.39 -6.30
C GLY A 37 -4.51 2.22 -5.42
N ILE A 38 -4.46 1.19 -4.60
CA ILE A 38 -3.26 1.00 -3.71
C ILE A 38 -2.34 -0.10 -4.28
N VAL A 39 -2.85 -1.29 -4.51
CA VAL A 39 -1.98 -2.39 -5.00
C VAL A 39 -1.40 -2.07 -6.38
N GLU A 40 -2.21 -1.95 -7.39
CA GLU A 40 -1.67 -1.66 -8.74
C GLU A 40 -0.78 -0.41 -8.71
N GLN A 41 -1.25 0.64 -8.10
CA GLN A 41 -0.44 1.90 -8.05
C GLN A 41 0.99 1.58 -7.65
N CYS A 42 1.19 0.99 -6.51
CA CYS A 42 2.58 0.68 -6.05
C CYS A 42 3.08 -0.64 -6.63
N CYS A 43 2.20 -1.56 -6.97
CA CYS A 43 2.67 -2.87 -7.53
C CYS A 43 2.91 -2.69 -9.03
N HIS A 44 1.94 -2.17 -9.73
CA HIS A 44 2.10 -1.98 -11.20
C HIS A 44 3.16 -0.89 -11.46
N SER A 45 3.30 0.03 -10.53
CA SER A 45 4.31 1.13 -10.72
C SER A 45 5.06 1.37 -9.42
N ILE A 46 6.06 2.21 -9.46
CA ILE A 46 6.86 2.53 -8.24
C ILE A 46 6.26 3.76 -7.55
N CYS A 47 5.47 3.56 -6.53
CA CYS A 47 4.85 4.73 -5.82
C CYS A 47 5.73 5.13 -4.64
N SER A 48 5.69 6.37 -4.25
CA SER A 48 6.51 6.84 -3.09
C SER A 48 5.72 6.63 -1.80
N LEU A 49 6.37 6.74 -0.68
CA LEU A 49 5.67 6.56 0.62
C LEU A 49 4.52 7.56 0.69
N TYR A 50 4.72 8.71 0.13
CA TYR A 50 3.68 9.75 0.13
C TYR A 50 2.32 9.14 -0.20
N GLN A 51 2.24 8.50 -1.32
CA GLN A 51 0.96 7.87 -1.73
C GLN A 51 0.56 6.85 -0.68
N LEU A 52 1.50 6.08 -0.20
CA LEU A 52 1.15 5.08 0.82
C LEU A 52 0.65 5.82 2.06
N GLU A 53 1.18 6.99 2.28
CA GLU A 53 0.73 7.79 3.45
C GLU A 53 -0.70 8.26 3.18
N ASN A 54 -1.16 8.05 1.99
CA ASN A 54 -2.53 8.48 1.62
C ASN A 54 -3.55 7.50 2.21
N TYR A 55 -3.15 6.26 2.41
CA TYR A 55 -4.09 5.24 2.98
C TYR A 55 -3.79 5.02 4.46
N CYS A 56 -2.91 5.79 5.03
CA CYS A 56 -2.60 5.60 6.48
C CYS A 56 -3.69 6.30 7.32
N ASN A 57 -4.57 5.54 7.91
CA ASN A 57 -5.64 6.15 8.74
C ASN A 57 -6.32 7.27 7.95
N PHE A 1 12.45 -0.78 0.41
CA PHE A 1 11.19 0.02 0.38
C PHE A 1 11.47 1.35 -0.33
N VAL A 2 12.38 1.34 -1.27
CA VAL A 2 12.74 2.61 -2.00
C VAL A 2 12.12 2.60 -3.41
N ASN A 3 12.85 2.13 -4.38
CA ASN A 3 12.34 2.10 -5.79
C ASN A 3 11.83 0.70 -6.12
N GLN A 4 11.43 -0.05 -5.13
CA GLN A 4 10.92 -1.43 -5.39
C GLN A 4 9.39 -1.40 -5.49
N HIS A 5 8.83 -2.41 -6.11
CA HIS A 5 7.35 -2.47 -6.28
C HIS A 5 6.71 -3.26 -5.14
N LEU A 6 5.65 -2.76 -4.57
CA LEU A 6 4.96 -3.47 -3.45
C LEU A 6 3.80 -4.27 -4.04
N CYS A 7 3.74 -5.55 -3.73
CA CYS A 7 2.62 -6.39 -4.26
C CYS A 7 2.21 -7.40 -3.20
N GLY A 8 0.95 -7.43 -2.86
CA GLY A 8 0.47 -8.40 -1.84
C GLY A 8 0.98 -7.99 -0.45
N SER A 9 1.19 -8.95 0.41
CA SER A 9 1.68 -8.65 1.79
C SER A 9 2.81 -7.62 1.74
N ASP A 10 3.58 -7.60 0.69
CA ASP A 10 4.68 -6.60 0.60
C ASP A 10 4.13 -5.22 0.93
N LEU A 11 3.06 -4.84 0.29
CA LEU A 11 2.48 -3.50 0.58
C LEU A 11 2.19 -3.39 2.08
N VAL A 12 1.49 -4.34 2.63
CA VAL A 12 1.17 -4.28 4.08
C VAL A 12 2.44 -3.99 4.90
N GLU A 13 3.37 -4.90 4.89
CA GLU A 13 4.63 -4.66 5.67
C GLU A 13 5.17 -3.27 5.36
N ALA A 14 4.85 -2.75 4.20
CA ALA A 14 5.34 -1.39 3.85
C ALA A 14 4.43 -0.34 4.50
N LEU A 15 3.14 -0.40 4.27
CA LEU A 15 2.27 0.62 4.92
C LEU A 15 2.57 0.64 6.42
N TYR A 16 2.89 -0.49 6.99
CA TYR A 16 3.18 -0.54 8.44
C TYR A 16 4.20 0.55 8.82
N LEU A 17 5.30 0.65 8.12
CA LEU A 17 6.29 1.72 8.47
C LEU A 17 5.67 3.08 8.14
N VAL A 18 5.17 3.22 6.96
CA VAL A 18 4.55 4.50 6.54
C VAL A 18 3.54 4.96 7.59
N CYS A 19 2.56 4.16 7.86
CA CYS A 19 1.52 4.55 8.86
C CYS A 19 2.06 4.37 10.28
N GLY A 20 3.05 3.54 10.44
CA GLY A 20 3.63 3.32 11.79
C GLY A 20 2.51 3.09 12.81
N GLU A 21 2.46 3.90 13.84
CA GLU A 21 1.42 3.73 14.88
C GLU A 21 0.08 4.30 14.40
N ARG A 22 0.11 5.09 13.37
CA ARG A 22 -1.17 5.68 12.87
C ARG A 22 -2.16 4.57 12.55
N GLY A 23 -1.67 3.41 12.19
CA GLY A 23 -2.59 2.29 11.86
C GLY A 23 -3.18 2.56 10.48
N PHE A 24 -3.60 1.54 9.78
CA PHE A 24 -4.17 1.76 8.42
C PHE A 24 -5.10 0.61 8.04
N PHE A 25 -5.76 0.76 6.94
CA PHE A 25 -6.69 -0.29 6.44
C PHE A 25 -6.21 -0.79 5.07
N TYR A 26 -6.18 -2.08 4.87
CA TYR A 26 -5.74 -2.59 3.55
C TYR A 26 -6.86 -2.32 2.56
N THR A 27 -6.62 -2.53 1.30
CA THR A 27 -7.69 -2.27 0.31
C THR A 27 -8.87 -3.22 0.56
N ASP A 28 -9.94 -3.05 -0.17
CA ASP A 28 -11.14 -3.92 0.02
C ASP A 28 -10.70 -5.41 0.19
N PRO A 29 -11.48 -6.20 0.91
CA PRO A 29 -11.17 -7.64 1.12
C PRO A 29 -11.56 -8.45 -0.13
N THR A 30 -12.20 -7.84 -1.08
CA THR A 30 -12.66 -8.59 -2.28
C THR A 30 -11.50 -9.35 -2.94
N GLY A 31 -10.35 -8.76 -3.02
CA GLY A 31 -9.20 -9.48 -3.65
C GLY A 31 -9.44 -9.66 -5.15
N GLY A 32 -10.66 -9.47 -5.61
CA GLY A 32 -10.96 -9.63 -7.08
C GLY A 32 -10.86 -8.27 -7.76
N GLY A 33 -11.20 -7.24 -7.05
CA GLY A 33 -11.12 -5.87 -7.62
C GLY A 33 -11.24 -4.85 -6.48
N PRO A 34 -10.40 -4.99 -5.49
CA PRO A 34 -10.39 -4.09 -4.32
C PRO A 34 -9.89 -2.70 -4.73
N ARG A 35 -9.71 -1.82 -3.78
CA ARG A 35 -9.20 -0.46 -4.12
C ARG A 35 -7.86 -0.61 -4.85
N ARG A 36 -7.89 -0.80 -6.14
CA ARG A 36 -6.62 -0.95 -6.88
C ARG A 36 -5.79 0.30 -6.67
N GLY A 37 -6.44 1.41 -6.47
CA GLY A 37 -5.71 2.70 -6.25
C GLY A 37 -4.50 2.48 -5.35
N ILE A 38 -4.50 1.45 -4.53
CA ILE A 38 -3.32 1.20 -3.64
C ILE A 38 -2.46 0.07 -4.21
N VAL A 39 -3.05 -1.08 -4.45
CA VAL A 39 -2.24 -2.24 -4.95
C VAL A 39 -1.61 -1.97 -6.31
N GLU A 40 -2.39 -1.78 -7.34
CA GLU A 40 -1.79 -1.54 -8.68
C GLU A 40 -0.90 -0.29 -8.67
N GLN A 41 -1.31 0.75 -8.00
CA GLN A 41 -0.48 1.98 -7.97
C GLN A 41 0.95 1.62 -7.58
N CYS A 42 1.11 1.00 -6.45
CA CYS A 42 2.48 0.62 -5.98
C CYS A 42 2.92 -0.73 -6.58
N CYS A 43 1.99 -1.59 -6.91
CA CYS A 43 2.39 -2.92 -7.49
C CYS A 43 2.61 -2.77 -8.99
N HIS A 44 1.67 -2.22 -9.70
CA HIS A 44 1.83 -2.06 -11.17
C HIS A 44 2.89 -0.98 -11.43
N SER A 45 3.05 -0.07 -10.52
CA SER A 45 4.07 1.02 -10.70
C SER A 45 4.83 1.23 -9.38
N ILE A 46 5.98 1.83 -9.45
CA ILE A 46 6.77 2.07 -8.21
C ILE A 46 6.29 3.37 -7.54
N CYS A 47 5.47 3.26 -6.54
CA CYS A 47 4.96 4.49 -5.86
C CYS A 47 5.89 4.87 -4.70
N SER A 48 5.78 6.07 -4.21
CA SER A 48 6.65 6.52 -3.08
C SER A 48 5.88 6.34 -1.76
N LEU A 49 6.57 6.43 -0.67
CA LEU A 49 5.88 6.28 0.65
C LEU A 49 4.79 7.33 0.73
N TYR A 50 5.04 8.47 0.17
CA TYR A 50 4.05 9.57 0.17
C TYR A 50 2.67 9.03 -0.15
N GLN A 51 2.55 8.41 -1.28
CA GLN A 51 1.23 7.84 -1.68
C GLN A 51 0.78 6.84 -0.64
N LEU A 52 1.68 6.01 -0.18
CA LEU A 52 1.30 5.02 0.84
C LEU A 52 0.84 5.78 2.07
N GLU A 53 1.43 6.92 2.29
CA GLU A 53 1.05 7.75 3.47
C GLU A 53 -0.36 8.30 3.22
N ASN A 54 -0.85 8.12 2.02
CA ASN A 54 -2.20 8.61 1.67
C ASN A 54 -3.27 7.69 2.28
N TYR A 55 -2.93 6.44 2.47
CA TYR A 55 -3.92 5.47 3.06
C TYR A 55 -3.62 5.24 4.54
N CYS A 56 -2.67 5.96 5.10
CA CYS A 56 -2.36 5.76 6.54
C CYS A 56 -3.39 6.49 7.39
N ASN A 57 -4.28 5.77 8.02
CA ASN A 57 -5.32 6.42 8.87
C ASN A 57 -6.00 7.53 8.07
N PHE A 1 12.42 -0.83 0.46
CA PHE A 1 11.19 -0.01 0.42
C PHE A 1 11.50 1.31 -0.28
N VAL A 2 12.43 1.30 -1.20
CA VAL A 2 12.82 2.55 -1.92
C VAL A 2 12.20 2.57 -3.33
N ASN A 3 12.93 2.08 -4.30
CA ASN A 3 12.40 2.08 -5.71
C ASN A 3 11.88 0.69 -6.08
N GLN A 4 11.47 -0.06 -5.10
CA GLN A 4 10.94 -1.43 -5.38
C GLN A 4 9.42 -1.39 -5.47
N HIS A 5 8.84 -2.37 -6.12
CA HIS A 5 7.36 -2.42 -6.28
C HIS A 5 6.73 -3.22 -5.14
N LEU A 6 5.66 -2.71 -4.58
CA LEU A 6 4.96 -3.43 -3.47
C LEU A 6 3.79 -4.23 -4.06
N CYS A 7 3.73 -5.51 -3.78
CA CYS A 7 2.61 -6.34 -4.32
C CYS A 7 2.20 -7.36 -3.26
N GLY A 8 0.94 -7.38 -2.91
CA GLY A 8 0.47 -8.36 -1.88
C GLY A 8 1.00 -7.98 -0.50
N SER A 9 1.23 -8.95 0.35
CA SER A 9 1.73 -8.68 1.72
C SER A 9 2.85 -7.64 1.67
N ASP A 10 3.62 -7.61 0.61
CA ASP A 10 4.73 -6.62 0.52
C ASP A 10 4.18 -5.24 0.88
N LEU A 11 3.10 -4.84 0.26
CA LEU A 11 2.50 -3.52 0.56
C LEU A 11 2.23 -3.42 2.06
N VAL A 12 1.50 -4.36 2.61
CA VAL A 12 1.18 -4.31 4.06
C VAL A 12 2.45 -4.03 4.86
N GLU A 13 3.38 -4.93 4.86
CA GLU A 13 4.64 -4.70 5.64
C GLU A 13 5.17 -3.31 5.34
N ALA A 14 4.87 -2.78 4.19
CA ALA A 14 5.34 -1.41 3.84
C ALA A 14 4.43 -0.38 4.51
N LEU A 15 3.14 -0.43 4.27
CA LEU A 15 2.25 0.57 4.92
C LEU A 15 2.56 0.59 6.42
N TYR A 16 2.88 -0.55 6.98
CA TYR A 16 3.18 -0.60 8.44
C TYR A 16 4.19 0.49 8.82
N LEU A 17 5.30 0.59 8.13
CA LEU A 17 6.28 1.66 8.49
C LEU A 17 5.66 3.02 8.17
N VAL A 18 5.16 3.16 6.98
CA VAL A 18 4.54 4.45 6.57
C VAL A 18 3.53 4.90 7.63
N CYS A 19 2.55 4.09 7.88
CA CYS A 19 1.51 4.45 8.87
C CYS A 19 2.05 4.27 10.29
N GLY A 20 3.04 3.44 10.44
CA GLY A 20 3.62 3.21 11.79
C GLY A 20 2.50 2.94 12.80
N GLU A 21 2.44 3.72 13.85
CA GLU A 21 1.38 3.51 14.88
C GLU A 21 0.05 4.08 14.40
N ARG A 22 0.08 4.90 13.40
CA ARG A 22 -1.19 5.51 12.91
C ARG A 22 -2.18 4.40 12.57
N GLY A 23 -1.69 3.24 12.20
CA GLY A 23 -2.61 2.13 11.84
C GLY A 23 -3.20 2.41 10.47
N PHE A 24 -3.61 1.40 9.75
CA PHE A 24 -4.18 1.64 8.40
C PHE A 24 -5.09 0.50 7.99
N PHE A 25 -5.76 0.66 6.89
CA PHE A 25 -6.68 -0.40 6.37
C PHE A 25 -6.20 -0.88 5.01
N TYR A 26 -6.24 -2.16 4.77
CA TYR A 26 -5.79 -2.66 3.43
C TYR A 26 -6.91 -2.39 2.43
N THR A 27 -6.66 -2.58 1.17
CA THR A 27 -7.73 -2.31 0.17
C THR A 27 -8.90 -3.27 0.37
N ASP A 28 -9.96 -3.10 -0.37
CA ASP A 28 -11.15 -3.98 -0.23
C ASP A 28 -10.71 -5.46 -0.13
N PRO A 29 -11.45 -6.28 0.61
CA PRO A 29 -11.12 -7.73 0.76
C PRO A 29 -11.56 -8.50 -0.50
N THR A 30 -12.23 -7.87 -1.41
CA THR A 30 -12.73 -8.59 -2.62
C THR A 30 -11.60 -9.33 -3.32
N GLY A 31 -10.45 -8.73 -3.44
CA GLY A 31 -9.31 -9.44 -4.13
C GLY A 31 -9.61 -9.62 -5.62
N GLY A 32 -10.85 -9.45 -6.02
CA GLY A 32 -11.20 -9.60 -7.47
C GLY A 32 -11.23 -8.22 -8.12
N GLY A 33 -11.31 -7.20 -7.32
CA GLY A 33 -11.33 -5.82 -7.86
C GLY A 33 -11.31 -4.84 -6.68
N PRO A 34 -10.32 -5.00 -5.81
CA PRO A 34 -10.18 -4.14 -4.62
C PRO A 34 -9.78 -2.73 -5.05
N ARG A 35 -9.52 -1.88 -4.10
CA ARG A 35 -9.10 -0.49 -4.43
C ARG A 35 -7.80 -0.56 -5.25
N ARG A 36 -7.90 -0.65 -6.55
CA ARG A 36 -6.66 -0.72 -7.38
C ARG A 36 -5.83 0.52 -7.11
N GLY A 37 -6.46 1.51 -6.53
CA GLY A 37 -5.74 2.77 -6.22
C GLY A 37 -4.51 2.51 -5.35
N ILE A 38 -4.51 1.47 -4.54
CA ILE A 38 -3.32 1.20 -3.67
C ILE A 38 -2.46 0.06 -4.26
N VAL A 39 -3.02 -1.09 -4.52
CA VAL A 39 -2.21 -2.22 -5.03
C VAL A 39 -1.62 -1.90 -6.40
N GLU A 40 -2.42 -1.73 -7.40
CA GLU A 40 -1.86 -1.43 -8.76
C GLU A 40 -0.92 -0.23 -8.70
N GLN A 41 -1.33 0.84 -8.07
CA GLN A 41 -0.46 2.04 -8.00
C GLN A 41 0.96 1.64 -7.58
N CYS A 42 1.11 1.04 -6.44
CA CYS A 42 2.48 0.65 -5.97
C CYS A 42 2.91 -0.69 -6.56
N CYS A 43 1.99 -1.54 -6.93
CA CYS A 43 2.39 -2.86 -7.51
C CYS A 43 2.64 -2.70 -9.00
N HIS A 44 1.71 -2.13 -9.71
CA HIS A 44 1.90 -1.94 -11.18
C HIS A 44 3.01 -0.92 -11.41
N SER A 45 3.20 0.00 -10.49
CA SER A 45 4.27 1.03 -10.65
C SER A 45 5.00 1.23 -9.32
N ILE A 46 6.06 2.00 -9.32
CA ILE A 46 6.83 2.24 -8.08
C ILE A 46 6.29 3.51 -7.40
N CYS A 47 5.46 3.36 -6.40
CA CYS A 47 4.91 4.56 -5.70
C CYS A 47 5.80 4.93 -4.52
N SER A 48 5.84 6.19 -4.16
CA SER A 48 6.68 6.61 -3.01
C SER A 48 5.91 6.41 -1.71
N LEU A 49 6.58 6.46 -0.60
CA LEU A 49 5.88 6.29 0.70
C LEU A 49 4.78 7.33 0.80
N TYR A 50 5.03 8.48 0.26
CA TYR A 50 4.04 9.57 0.27
C TYR A 50 2.66 9.03 -0.07
N GLN A 51 2.55 8.43 -1.21
CA GLN A 51 1.24 7.87 -1.63
C GLN A 51 0.78 6.84 -0.60
N LEU A 52 1.68 6.01 -0.15
CA LEU A 52 1.30 5.01 0.86
C LEU A 52 0.83 5.76 2.11
N GLU A 53 1.41 6.89 2.35
CA GLU A 53 1.02 7.71 3.53
C GLU A 53 -0.39 8.26 3.27
N ASN A 54 -0.87 8.09 2.06
CA ASN A 54 -2.22 8.59 1.70
C ASN A 54 -3.28 7.65 2.31
N TYR A 55 -2.95 6.40 2.48
CA TYR A 55 -3.93 5.43 3.05
C TYR A 55 -3.63 5.17 4.53
N CYS A 56 -2.69 5.89 5.10
CA CYS A 56 -2.38 5.67 6.54
C CYS A 56 -3.41 6.40 7.40
N ASN A 57 -4.24 5.67 8.09
CA ASN A 57 -5.27 6.34 8.95
C ASN A 57 -6.01 7.39 8.13
N PHE A 1 12.38 -0.58 0.12
CA PHE A 1 11.16 0.27 0.13
C PHE A 1 11.48 1.59 -0.59
N VAL A 2 12.43 1.56 -1.50
CA VAL A 2 12.83 2.81 -2.22
C VAL A 2 12.15 2.90 -3.58
N ASN A 3 12.79 2.40 -4.61
CA ASN A 3 12.21 2.45 -6.00
C ASN A 3 11.67 1.08 -6.39
N GLN A 4 11.31 0.28 -5.43
CA GLN A 4 10.78 -1.08 -5.75
C GLN A 4 9.25 -1.05 -5.77
N HIS A 5 8.66 -2.00 -6.45
CA HIS A 5 7.17 -2.05 -6.55
C HIS A 5 6.59 -2.90 -5.42
N LEU A 6 5.57 -2.42 -4.76
CA LEU A 6 4.94 -3.19 -3.66
C LEU A 6 3.79 -4.01 -4.23
N CYS A 7 3.79 -5.30 -4.01
CA CYS A 7 2.69 -6.16 -4.53
C CYS A 7 2.35 -7.23 -3.48
N GLY A 8 1.10 -7.30 -3.11
CA GLY A 8 0.69 -8.32 -2.09
C GLY A 8 1.22 -7.93 -0.70
N SER A 9 1.47 -8.90 0.14
CA SER A 9 1.99 -8.60 1.51
C SER A 9 3.09 -7.54 1.45
N ASP A 10 3.81 -7.47 0.37
CA ASP A 10 4.89 -6.43 0.27
C ASP A 10 4.32 -5.08 0.67
N LEU A 11 3.20 -4.71 0.10
CA LEU A 11 2.59 -3.40 0.45
C LEU A 11 2.36 -3.35 1.96
N VAL A 12 1.66 -4.31 2.50
CA VAL A 12 1.39 -4.32 3.96
C VAL A 12 2.68 -4.01 4.74
N GLU A 13 3.64 -4.88 4.68
CA GLU A 13 4.92 -4.64 5.41
C GLU A 13 5.39 -3.22 5.13
N ALA A 14 5.05 -2.68 3.99
CA ALA A 14 5.49 -1.30 3.67
C ALA A 14 4.56 -0.31 4.39
N LEU A 15 3.27 -0.38 4.19
CA LEU A 15 2.38 0.58 4.90
C LEU A 15 2.73 0.56 6.39
N TYR A 16 3.10 -0.58 6.91
CA TYR A 16 3.44 -0.66 8.36
C TYR A 16 4.44 0.45 8.73
N LEU A 17 5.51 0.61 7.99
CA LEU A 17 6.47 1.70 8.35
C LEU A 17 5.80 3.04 8.08
N VAL A 18 5.27 3.21 6.91
CA VAL A 18 4.60 4.49 6.55
C VAL A 18 3.62 4.88 7.65
N CYS A 19 2.67 4.03 7.91
CA CYS A 19 1.64 4.35 8.95
C CYS A 19 2.26 4.16 10.34
N GLY A 20 3.27 3.35 10.43
CA GLY A 20 3.91 3.12 11.75
C GLY A 20 2.86 2.66 12.78
N GLU A 21 2.86 3.27 13.93
CA GLU A 21 1.88 2.88 14.98
C GLU A 21 0.50 3.45 14.65
N ARG A 22 0.42 4.34 13.70
CA ARG A 22 -0.89 4.93 13.36
C ARG A 22 -1.86 3.82 12.97
N GLY A 23 -1.36 2.72 12.48
CA GLY A 23 -2.26 1.61 12.07
C GLY A 23 -2.91 1.98 10.74
N PHE A 24 -3.34 1.03 9.97
CA PHE A 24 -3.97 1.35 8.66
C PHE A 24 -4.87 0.22 8.21
N PHE A 25 -5.59 0.43 7.16
CA PHE A 25 -6.52 -0.60 6.61
C PHE A 25 -6.03 -1.04 5.23
N TYR A 26 -6.06 -2.31 4.95
CA TYR A 26 -5.62 -2.78 3.61
C TYR A 26 -6.78 -2.51 2.64
N THR A 27 -6.56 -2.68 1.37
CA THR A 27 -7.66 -2.41 0.41
C THR A 27 -8.81 -3.39 0.64
N ASP A 28 -9.89 -3.22 -0.07
CA ASP A 28 -11.09 -4.11 0.13
C ASP A 28 -10.63 -5.59 0.27
N PRO A 29 -11.35 -6.39 1.05
CA PRO A 29 -11.02 -7.82 1.24
C PRO A 29 -11.46 -8.64 0.02
N THR A 30 -12.14 -8.04 -0.91
CA THR A 30 -12.64 -8.82 -2.09
C THR A 30 -11.50 -9.56 -2.77
N GLY A 31 -10.36 -8.94 -2.92
CA GLY A 31 -9.22 -9.65 -3.58
C GLY A 31 -9.52 -9.88 -5.07
N GLY A 32 -10.75 -9.75 -5.47
CA GLY A 32 -11.11 -9.97 -6.91
C GLY A 32 -11.15 -8.61 -7.62
N GLY A 33 -11.26 -7.56 -6.88
CA GLY A 33 -11.30 -6.20 -7.46
C GLY A 33 -11.28 -5.18 -6.32
N PRO A 34 -10.29 -5.28 -5.45
CA PRO A 34 -10.16 -4.38 -4.30
C PRO A 34 -9.81 -2.96 -4.76
N ARG A 35 -9.57 -2.08 -3.83
CA ARG A 35 -9.20 -0.69 -4.18
C ARG A 35 -7.95 -0.71 -5.07
N ARG A 36 -8.13 -0.86 -6.36
CA ARG A 36 -6.94 -0.89 -7.25
C ARG A 36 -6.17 0.42 -7.10
N GLY A 37 -6.68 1.31 -6.28
CA GLY A 37 -5.99 2.62 -6.09
C GLY A 37 -4.74 2.44 -5.23
N ILE A 38 -4.68 1.41 -4.42
CA ILE A 38 -3.46 1.19 -3.55
C ILE A 38 -2.56 0.11 -4.17
N VAL A 39 -3.09 -1.07 -4.40
CA VAL A 39 -2.24 -2.16 -4.94
C VAL A 39 -1.68 -1.81 -6.31
N GLU A 40 -2.52 -1.65 -7.29
CA GLU A 40 -1.98 -1.33 -8.66
C GLU A 40 -1.10 -0.09 -8.62
N GLN A 41 -1.54 0.96 -7.98
CA GLN A 41 -0.71 2.20 -7.93
C GLN A 41 0.73 1.87 -7.55
N CYS A 42 0.93 1.24 -6.43
CA CYS A 42 2.32 0.91 -5.99
C CYS A 42 2.79 -0.41 -6.61
N CYS A 43 1.89 -1.29 -6.96
CA CYS A 43 2.32 -2.59 -7.57
C CYS A 43 2.56 -2.39 -9.07
N HIS A 44 1.60 -1.85 -9.75
CA HIS A 44 1.76 -1.63 -11.22
C HIS A 44 2.76 -0.51 -11.45
N SER A 45 2.90 0.39 -10.51
CA SER A 45 3.87 1.52 -10.66
C SER A 45 4.64 1.72 -9.36
N ILE A 46 5.79 2.34 -9.43
CA ILE A 46 6.59 2.58 -8.20
C ILE A 46 6.06 3.84 -7.50
N CYS A 47 5.25 3.67 -6.49
CA CYS A 47 4.70 4.86 -5.77
C CYS A 47 5.62 5.25 -4.61
N SER A 48 5.55 6.48 -4.17
CA SER A 48 6.41 6.92 -3.03
C SER A 48 5.67 6.64 -1.72
N LEU A 49 6.37 6.72 -0.62
CA LEU A 49 5.72 6.49 0.70
C LEU A 49 4.60 7.49 0.86
N TYR A 50 4.79 8.66 0.32
CA TYR A 50 3.77 9.73 0.40
C TYR A 50 2.40 9.16 0.10
N GLN A 51 2.24 8.57 -1.04
CA GLN A 51 0.92 8.01 -1.41
C GLN A 51 0.55 6.93 -0.40
N LEU A 52 1.49 6.12 -0.02
CA LEU A 52 1.18 5.07 0.97
C LEU A 52 0.72 5.76 2.25
N GLU A 53 1.25 6.93 2.48
CA GLU A 53 0.87 7.69 3.69
C GLU A 53 -0.56 8.20 3.51
N ASN A 54 -1.07 8.05 2.31
CA ASN A 54 -2.46 8.52 2.02
C ASN A 54 -3.47 7.53 2.60
N TYR A 55 -3.07 6.28 2.72
CA TYR A 55 -4.00 5.25 3.30
C TYR A 55 -3.64 4.96 4.75
N CYS A 56 -2.72 5.69 5.31
CA CYS A 56 -2.34 5.44 6.73
C CYS A 56 -3.37 6.08 7.65
N ASN A 57 -4.20 5.29 8.28
CA ASN A 57 -5.23 5.86 9.20
C ASN A 57 -6.01 6.95 8.46
#